data_3VPX
#
_entry.id   3VPX
#
_cell.length_a   135.589
_cell.length_b   135.589
_cell.length_c   123.553
_cell.angle_alpha   90.00
_cell.angle_beta   90.00
_cell.angle_gamma   90.00
#
_symmetry.space_group_name_H-M   'I 4'
#
loop_
_entity.id
_entity.type
_entity.pdbx_description
1 polymer 'Leucine dehydrogenase'
2 water water
#
_entity_poly.entity_id   1
_entity_poly.type   'polypeptide(L)'
_entity_poly.pdbx_seq_one_letter_code
;MEIFKYMEHQDYEQLVICQDKASGLKAIIAIHDTTLGPALGGTRMWTYASEEEAIEDALRLARGMTYKNAAAGLNLGGGK
TVIIGNPKTDKNDEMFRAFGRYIEGLNGRYITAEDVGTTEADMDLINLETDYVTGTSAGAGSSGNPSPVTAYGIYYGMKA
AAKEAFGDDSLAGKTVAVQGVGNVAYALCEYLHEEGAKLIITDINEEAVQRAVDAFGATAVGINEIYSQEADIFAPCALG
AIINDETIPQLKAKVIAGSANNQLKETRHGDLIHEMGIVYAPDYVINSGGVINVADELDGYNRERALKRVEGIYDVIGKI
FAISKRDNIPTYVAADRMAEERIARVANTRSTFLQNEKSVLSRR
;
_entity_poly.pdbx_strand_id   A,B
#
# COMPACT_ATOMS: atom_id res chain seq x y z
N MET A 1 14.37 -6.22 7.51
CA MET A 1 14.66 -6.92 6.23
C MET A 1 14.82 -5.93 5.09
N GLU A 2 15.25 -6.44 3.94
CA GLU A 2 15.45 -5.63 2.75
C GLU A 2 14.17 -5.77 1.88
N ILE A 3 13.06 -5.23 2.37
CA ILE A 3 11.76 -5.32 1.69
C ILE A 3 11.85 -5.28 0.16
N PHE A 4 12.45 -4.22 -0.35
CA PHE A 4 12.57 -4.04 -1.79
C PHE A 4 13.38 -5.12 -2.49
N LYS A 5 14.39 -5.64 -1.81
CA LYS A 5 15.22 -6.69 -2.40
C LYS A 5 14.38 -7.96 -2.52
N TYR A 6 13.66 -8.25 -1.44
CA TYR A 6 12.79 -9.43 -1.37
C TYR A 6 11.71 -9.34 -2.47
N MET A 7 11.09 -8.17 -2.58
CA MET A 7 10.05 -7.93 -3.57
C MET A 7 10.58 -7.99 -4.98
N GLU A 8 11.69 -7.31 -5.24
CA GLU A 8 12.22 -7.28 -6.58
C GLU A 8 12.62 -8.65 -7.08
N HIS A 9 13.18 -9.46 -6.19
CA HIS A 9 13.64 -10.79 -6.57
C HIS A 9 12.59 -11.68 -7.21
N GLN A 10 11.32 -11.48 -6.85
CA GLN A 10 10.25 -12.28 -7.42
C GLN A 10 9.15 -11.40 -7.99
N ASP A 11 9.51 -10.14 -8.20
CA ASP A 11 8.61 -9.13 -8.76
C ASP A 11 7.25 -9.05 -8.06
N TYR A 12 7.28 -8.69 -6.77
CA TYR A 12 6.07 -8.54 -5.99
C TYR A 12 5.52 -7.19 -6.39
N GLU A 13 4.19 -7.08 -6.50
CA GLU A 13 3.56 -5.82 -6.90
C GLU A 13 3.51 -4.80 -5.76
N GLN A 14 2.85 -5.16 -4.67
CA GLN A 14 2.75 -4.24 -3.55
C GLN A 14 2.83 -4.81 -2.14
N LEU A 15 3.14 -3.92 -1.21
CA LEU A 15 3.18 -4.26 0.20
C LEU A 15 2.41 -3.09 0.80
N VAL A 16 1.13 -3.31 1.11
CA VAL A 16 0.29 -2.26 1.66
C VAL A 16 0.15 -2.37 3.18
N ILE A 17 1.03 -1.68 3.90
CA ILE A 17 1.00 -1.70 5.36
C ILE A 17 -0.04 -0.71 5.87
N CYS A 18 -1.05 -1.24 6.54
CA CYS A 18 -2.18 -0.47 7.06
C CYS A 18 -2.18 -0.41 8.58
N GLN A 19 -2.54 0.76 9.11
CA GLN A 19 -2.53 0.98 10.56
C GLN A 19 -3.62 1.90 11.12
N ASP A 20 -4.13 1.52 12.28
CA ASP A 20 -5.14 2.30 13.02
C ASP A 20 -4.85 2.16 14.52
N LYS A 21 -4.33 3.25 15.09
CA LYS A 21 -3.94 3.30 16.49
C LYS A 21 -5.02 2.90 17.47
N ALA A 22 -6.15 3.58 17.42
CA ALA A 22 -7.27 3.33 18.32
C ALA A 22 -7.71 1.89 18.39
N SER A 23 -7.92 1.25 17.24
CA SER A 23 -8.38 -0.15 17.27
C SER A 23 -7.21 -1.11 17.37
N GLY A 24 -6.00 -0.54 17.40
CA GLY A 24 -4.81 -1.36 17.50
C GLY A 24 -4.50 -2.21 16.27
N LEU A 25 -5.14 -1.93 15.14
CA LEU A 25 -4.92 -2.69 13.91
C LEU A 25 -3.54 -2.50 13.29
N LYS A 26 -2.97 -3.61 12.86
CA LYS A 26 -1.68 -3.64 12.19
C LYS A 26 -1.79 -4.75 11.18
N ALA A 27 -2.10 -4.41 9.93
CA ALA A 27 -2.24 -5.41 8.89
C ALA A 27 -1.25 -5.21 7.77
N ILE A 28 -0.86 -6.32 7.15
CA ILE A 28 0.11 -6.25 6.06
C ILE A 28 -0.48 -6.99 4.87
N ILE A 29 -0.92 -6.23 3.87
CA ILE A 29 -1.51 -6.84 2.68
C ILE A 29 -0.44 -6.98 1.60
N ALA A 30 -0.10 -8.21 1.29
CA ALA A 30 0.90 -8.46 0.27
C ALA A 30 0.19 -8.88 -1.00
N ILE A 31 0.60 -8.28 -2.11
CA ILE A 31 0.04 -8.58 -3.40
C ILE A 31 1.23 -8.97 -4.27
N HIS A 32 1.32 -10.26 -4.60
CA HIS A 32 2.43 -10.71 -5.42
C HIS A 32 2.19 -10.42 -6.88
N ASP A 33 1.18 -11.06 -7.44
CA ASP A 33 0.87 -10.89 -8.83
C ASP A 33 -0.63 -10.71 -9.11
N THR A 34 -0.97 -9.81 -10.04
CA THR A 34 -2.38 -9.59 -10.36
C THR A 34 -2.70 -9.79 -11.84
N THR A 35 -1.78 -10.43 -12.55
CA THR A 35 -1.93 -10.71 -13.97
C THR A 35 -3.25 -11.38 -14.34
N LEU A 36 -3.64 -12.41 -13.60
CA LEU A 36 -4.87 -13.13 -13.88
C LEU A 36 -6.08 -12.40 -13.36
N GLY A 37 -5.84 -11.36 -12.57
CA GLY A 37 -6.95 -10.59 -12.03
C GLY A 37 -6.69 -10.08 -10.63
N PRO A 38 -7.75 -9.74 -9.88
CA PRO A 38 -7.58 -9.24 -8.52
C PRO A 38 -6.80 -10.28 -7.70
N ALA A 39 -6.03 -9.81 -6.72
CA ALA A 39 -5.28 -10.72 -5.87
C ALA A 39 -6.27 -11.19 -4.81
N LEU A 40 -6.42 -12.50 -4.67
CA LEU A 40 -7.32 -13.03 -3.66
C LEU A 40 -6.53 -13.90 -2.72
N GLY A 41 -6.85 -13.83 -1.44
CA GLY A 41 -6.14 -14.62 -0.46
C GLY A 41 -6.62 -14.21 0.91
N GLY A 42 -6.63 -15.14 1.85
CA GLY A 42 -7.10 -14.86 3.19
C GLY A 42 -6.23 -14.01 4.09
N THR A 43 -6.80 -13.60 5.21
CA THR A 43 -6.06 -12.83 6.17
C THR A 43 -5.81 -13.71 7.40
N ARG A 44 -4.53 -13.87 7.68
CA ARG A 44 -4.03 -14.66 8.79
C ARG A 44 -3.78 -13.71 9.95
N MET A 45 -4.37 -14.00 11.10
CA MET A 45 -4.14 -13.17 12.28
C MET A 45 -3.36 -14.02 13.29
N TRP A 46 -2.11 -13.64 13.53
CA TRP A 46 -1.23 -14.37 14.45
C TRP A 46 -0.27 -13.42 15.16
N THR A 47 0.48 -13.93 16.12
CA THR A 47 1.44 -13.12 16.86
C THR A 47 2.79 -13.32 16.22
N TYR A 48 3.52 -12.25 15.97
CA TYR A 48 4.82 -12.37 15.34
C TYR A 48 5.94 -11.84 16.19
N ALA A 49 7.02 -12.61 16.26
CA ALA A 49 8.19 -12.26 17.05
C ALA A 49 8.87 -10.98 16.56
N SER A 50 8.51 -10.54 15.36
CA SER A 50 9.08 -9.33 14.80
C SER A 50 8.26 -8.82 13.63
N GLU A 51 8.30 -7.51 13.44
CA GLU A 51 7.57 -6.84 12.38
C GLU A 51 7.88 -7.44 11.03
N GLU A 52 9.01 -7.24 10.66
CA GLU A 52 9.45 -7.72 9.37
C GLU A 52 9.54 -9.25 9.24
N GLU A 53 8.98 -9.97 10.09
CA GLU A 53 8.93 -11.42 10.06
C GLU A 53 7.54 -11.69 9.51
N ALA A 54 6.59 -10.88 10.00
CA ALA A 54 5.20 -10.94 9.57
C ALA A 54 5.18 -10.45 8.10
N ILE A 55 6.03 -9.47 7.82
CA ILE A 55 6.15 -8.92 6.48
C ILE A 55 6.53 -10.02 5.48
N GLU A 56 7.61 -10.72 5.77
CA GLU A 56 8.08 -11.80 4.91
C GLU A 56 7.08 -12.93 4.78
N ASP A 57 6.39 -13.21 5.88
CA ASP A 57 5.40 -14.28 5.91
C ASP A 57 4.22 -13.88 5.01
N ALA A 58 3.88 -12.60 5.05
CA ALA A 58 2.80 -12.05 4.24
C ALA A 58 3.17 -12.14 2.77
N LEU A 59 4.41 -11.76 2.46
CA LEU A 59 4.89 -11.83 1.09
C LEU A 59 4.95 -13.27 0.61
N ARG A 60 5.44 -14.17 1.46
CA ARG A 60 5.56 -15.58 1.09
C ARG A 60 4.21 -16.26 0.82
N LEU A 61 3.21 -15.92 1.61
CA LEU A 61 1.88 -16.51 1.43
C LEU A 61 1.19 -15.89 0.21
N ALA A 62 1.44 -14.61 -0.04
CA ALA A 62 0.85 -13.96 -1.21
C ALA A 62 1.34 -14.72 -2.45
N ARG A 63 2.67 -14.86 -2.55
CA ARG A 63 3.25 -15.57 -3.69
C ARG A 63 2.73 -17.00 -3.76
N GLY A 64 2.34 -17.56 -2.62
CA GLY A 64 1.81 -18.90 -2.63
C GLY A 64 0.44 -18.93 -3.27
N MET A 65 -0.35 -17.88 -3.03
CA MET A 65 -1.68 -17.81 -3.60
C MET A 65 -1.66 -17.65 -5.11
N THR A 66 -0.77 -16.80 -5.61
CA THR A 66 -0.70 -16.58 -7.06
C THR A 66 -0.48 -17.91 -7.77
N TYR A 67 0.19 -18.84 -7.09
CA TYR A 67 0.45 -20.16 -7.65
C TYR A 67 -0.75 -21.09 -7.48
N LYS A 68 -1.33 -21.09 -6.29
CA LYS A 68 -2.48 -21.93 -6.02
C LYS A 68 -3.64 -21.52 -6.91
N ASN A 69 -3.99 -20.24 -6.85
CA ASN A 69 -5.09 -19.70 -7.66
C ASN A 69 -4.84 -19.95 -9.15
N ALA A 70 -3.60 -19.75 -9.59
CA ALA A 70 -3.23 -19.97 -10.98
C ALA A 70 -3.53 -21.40 -11.40
N ALA A 71 -2.91 -22.35 -10.69
CA ALA A 71 -3.07 -23.77 -10.95
C ALA A 71 -4.53 -24.25 -10.83
N ALA A 72 -5.28 -23.62 -9.93
CA ALA A 72 -6.68 -23.97 -9.72
C ALA A 72 -7.54 -23.55 -10.91
N GLY A 73 -6.94 -22.86 -11.88
CA GLY A 73 -7.67 -22.41 -13.05
C GLY A 73 -8.55 -21.21 -12.77
N LEU A 74 -8.28 -20.51 -11.68
CA LEU A 74 -9.07 -19.34 -11.33
C LEU A 74 -8.49 -18.11 -12.01
N ASN A 75 -9.31 -17.08 -12.10
CA ASN A 75 -8.91 -15.82 -12.71
C ASN A 75 -8.65 -14.82 -11.58
N LEU A 76 -7.74 -15.21 -10.70
CA LEU A 76 -7.37 -14.44 -9.54
C LEU A 76 -5.88 -14.47 -9.35
N GLY A 77 -5.36 -13.35 -8.86
CA GLY A 77 -3.95 -13.22 -8.59
C GLY A 77 -3.60 -13.69 -7.20
N GLY A 78 -2.43 -13.30 -6.71
CA GLY A 78 -1.99 -13.77 -5.41
C GLY A 78 -1.74 -12.70 -4.37
N GLY A 79 -2.56 -12.72 -3.32
CA GLY A 79 -2.41 -11.78 -2.24
C GLY A 79 -2.62 -12.51 -0.93
N LYS A 80 -2.39 -11.81 0.17
CA LYS A 80 -2.56 -12.41 1.47
C LYS A 80 -2.41 -11.29 2.47
N THR A 81 -3.12 -11.42 3.59
CA THR A 81 -3.04 -10.41 4.63
C THR A 81 -2.69 -11.02 5.99
N VAL A 82 -1.73 -10.44 6.65
CA VAL A 82 -1.37 -10.90 7.97
C VAL A 82 -1.68 -9.79 8.94
N ILE A 83 -2.45 -10.11 9.99
CA ILE A 83 -2.79 -9.14 11.00
C ILE A 83 -2.02 -9.53 12.26
N ILE A 84 -1.12 -8.67 12.68
CA ILE A 84 -0.34 -8.95 13.88
C ILE A 84 -1.18 -8.81 15.14
N GLY A 85 -1.41 -9.92 15.83
CA GLY A 85 -2.20 -9.88 17.05
C GLY A 85 -2.69 -11.25 17.46
N ASN A 86 -3.15 -11.38 18.70
CA ASN A 86 -3.64 -12.65 19.20
C ASN A 86 -5.14 -12.75 18.91
N PRO A 87 -5.52 -13.58 17.93
CA PRO A 87 -6.94 -13.74 17.59
C PRO A 87 -7.85 -13.94 18.80
N LYS A 88 -7.37 -14.69 19.79
CA LYS A 88 -8.13 -14.99 21.00
C LYS A 88 -8.32 -13.83 21.98
N THR A 89 -7.49 -12.81 21.89
CA THR A 89 -7.64 -11.67 22.79
C THR A 89 -7.95 -10.36 22.07
N ASP A 90 -6.90 -9.68 21.64
CA ASP A 90 -7.01 -8.39 20.98
C ASP A 90 -7.75 -8.25 19.64
N LYS A 91 -9.01 -8.69 19.60
CA LYS A 91 -9.85 -8.55 18.42
C LYS A 91 -10.98 -7.60 18.79
N ASN A 92 -11.42 -6.78 17.86
CA ASN A 92 -12.53 -5.87 18.13
C ASN A 92 -13.13 -5.43 16.80
N ASP A 93 -14.38 -5.00 16.84
CA ASP A 93 -15.09 -4.57 15.64
C ASP A 93 -14.39 -3.52 14.79
N GLU A 94 -14.02 -2.40 15.39
CA GLU A 94 -13.38 -1.31 14.64
C GLU A 94 -12.18 -1.78 13.82
N MET A 95 -11.37 -2.63 14.43
CA MET A 95 -10.18 -3.15 13.79
C MET A 95 -10.48 -3.75 12.40
N PHE A 96 -11.59 -4.47 12.28
CA PHE A 96 -11.94 -5.10 11.01
C PHE A 96 -12.67 -4.19 10.05
N ARG A 97 -13.30 -3.16 10.59
CA ARG A 97 -13.98 -2.18 9.79
C ARG A 97 -12.87 -1.37 9.13
N ALA A 98 -11.87 -1.01 9.93
CA ALA A 98 -10.72 -0.24 9.45
C ALA A 98 -10.02 -0.99 8.32
N PHE A 99 -9.80 -2.28 8.53
CA PHE A 99 -9.15 -3.13 7.54
C PHE A 99 -10.04 -3.11 6.28
N GLY A 100 -11.35 -3.21 6.50
CA GLY A 100 -12.29 -3.20 5.39
C GLY A 100 -12.26 -1.93 4.55
N ARG A 101 -12.07 -0.78 5.18
CA ARG A 101 -12.02 0.46 4.42
C ARG A 101 -10.80 0.47 3.52
N TYR A 102 -9.69 0.02 4.09
CA TYR A 102 -8.44 -0.02 3.36
C TYR A 102 -8.51 -0.95 2.17
N ILE A 103 -9.28 -2.02 2.29
CA ILE A 103 -9.44 -2.97 1.20
C ILE A 103 -10.29 -2.28 0.12
N GLU A 104 -11.24 -1.50 0.58
CA GLU A 104 -12.10 -0.75 -0.34
C GLU A 104 -11.28 0.26 -1.11
N GLY A 105 -10.19 0.71 -0.48
CA GLY A 105 -9.32 1.69 -1.10
C GLY A 105 -8.32 1.14 -2.09
N LEU A 106 -8.28 -0.19 -2.25
CA LEU A 106 -7.37 -0.83 -3.20
C LEU A 106 -8.24 -1.17 -4.39
N ASN A 107 -9.49 -0.76 -4.26
CA ASN A 107 -10.52 -0.90 -5.30
C ASN A 107 -10.50 -2.18 -6.13
N GLY A 108 -10.52 -3.33 -5.47
CA GLY A 108 -10.55 -4.58 -6.21
C GLY A 108 -9.22 -5.19 -6.59
N ARG A 109 -8.12 -4.53 -6.22
CA ARG A 109 -6.81 -5.11 -6.54
C ARG A 109 -6.55 -6.27 -5.58
N TYR A 110 -7.27 -6.26 -4.45
CA TYR A 110 -7.17 -7.30 -3.44
C TYR A 110 -8.55 -7.74 -2.96
N ILE A 111 -8.70 -9.05 -2.74
CA ILE A 111 -9.93 -9.64 -2.25
C ILE A 111 -9.52 -10.57 -1.11
N THR A 112 -10.18 -10.44 0.04
CA THR A 112 -9.81 -11.25 1.19
C THR A 112 -10.79 -12.36 1.59
N ALA A 113 -10.40 -13.11 2.60
CA ALA A 113 -11.20 -14.21 3.09
C ALA A 113 -10.59 -14.67 4.41
N GLU A 114 -11.16 -15.70 5.02
CA GLU A 114 -10.62 -16.19 6.28
C GLU A 114 -9.40 -17.07 6.09
N ASP A 115 -8.61 -17.14 7.15
CA ASP A 115 -7.41 -17.96 7.22
C ASP A 115 -7.24 -18.13 8.72
N VAL A 116 -6.29 -18.95 9.15
CA VAL A 116 -6.09 -19.16 10.58
C VAL A 116 -6.01 -17.84 11.36
N GLY A 117 -6.90 -17.68 12.34
CA GLY A 117 -6.94 -16.48 13.14
C GLY A 117 -8.20 -15.66 12.90
N THR A 118 -8.68 -15.68 11.65
CA THR A 118 -9.87 -14.93 11.29
C THR A 118 -11.04 -15.85 11.03
N THR A 119 -12.24 -15.34 11.28
CA THR A 119 -13.45 -16.12 11.11
C THR A 119 -14.52 -15.49 10.25
N GLU A 120 -15.55 -16.28 9.96
CA GLU A 120 -16.66 -15.83 9.15
C GLU A 120 -17.31 -14.61 9.81
N ALA A 121 -17.07 -14.44 11.11
CA ALA A 121 -17.64 -13.30 11.82
C ALA A 121 -16.84 -12.02 11.53
N ASP A 122 -15.54 -12.20 11.31
CA ASP A 122 -14.63 -11.10 11.02
C ASP A 122 -14.92 -10.61 9.60
N MET A 123 -15.06 -11.55 8.68
CA MET A 123 -15.36 -11.24 7.30
C MET A 123 -16.63 -10.40 7.21
N ASP A 124 -17.59 -10.67 8.10
CA ASP A 124 -18.84 -9.91 8.09
C ASP A 124 -18.62 -8.45 8.45
N LEU A 125 -17.71 -8.20 9.38
CA LEU A 125 -17.39 -6.83 9.78
C LEU A 125 -16.77 -6.12 8.57
N ILE A 126 -15.79 -6.76 7.96
CA ILE A 126 -15.12 -6.23 6.78
C ILE A 126 -16.14 -5.89 5.71
N ASN A 127 -17.05 -6.84 5.47
CA ASN A 127 -18.08 -6.68 4.46
C ASN A 127 -18.96 -5.49 4.72
N LEU A 128 -18.80 -4.87 5.88
CA LEU A 128 -19.57 -3.70 6.25
C LEU A 128 -18.99 -2.45 5.56
N GLU A 129 -17.71 -2.55 5.15
CA GLU A 129 -17.03 -1.43 4.52
C GLU A 129 -16.66 -1.66 3.08
N THR A 130 -16.76 -2.92 2.63
CA THR A 130 -16.39 -3.25 1.27
C THR A 130 -17.00 -4.56 0.77
N ASP A 131 -17.08 -4.68 -0.55
CA ASP A 131 -17.58 -5.88 -1.19
C ASP A 131 -16.42 -6.83 -1.55
N TYR A 132 -15.19 -6.32 -1.47
CA TYR A 132 -14.02 -7.13 -1.82
C TYR A 132 -13.61 -8.11 -0.72
N VAL A 133 -14.54 -8.98 -0.37
CA VAL A 133 -14.32 -9.97 0.67
C VAL A 133 -15.17 -11.21 0.41
N THR A 134 -14.71 -12.35 0.91
CA THR A 134 -15.42 -13.61 0.78
C THR A 134 -15.39 -14.36 2.11
N GLY A 135 -16.18 -15.42 2.21
CA GLY A 135 -16.24 -16.18 3.45
C GLY A 135 -17.20 -15.54 4.43
N THR A 136 -18.30 -15.01 3.91
CA THR A 136 -19.33 -14.34 4.72
C THR A 136 -20.57 -15.22 4.76
N SER A 137 -21.73 -14.55 4.89
CA SER A 137 -23.04 -15.20 4.91
C SER A 137 -23.01 -16.33 5.91
N ASN A 145 -21.43 -24.98 5.60
CA ASN A 145 -20.07 -25.43 5.87
C ASN A 145 -19.25 -25.58 4.59
N PRO A 146 -18.01 -25.07 4.61
CA PRO A 146 -17.06 -25.10 3.49
C PRO A 146 -16.25 -26.41 3.45
N SER A 147 -16.38 -27.20 4.51
CA SER A 147 -15.64 -28.46 4.63
C SER A 147 -15.94 -29.50 3.55
N PRO A 148 -17.23 -29.88 3.41
CA PRO A 148 -17.54 -30.88 2.38
C PRO A 148 -17.07 -30.47 0.98
N VAL A 149 -17.13 -29.18 0.70
CA VAL A 149 -16.72 -28.68 -0.61
C VAL A 149 -15.26 -29.04 -0.89
N THR A 150 -14.34 -28.59 -0.03
CA THR A 150 -12.94 -28.91 -0.26
C THR A 150 -12.69 -30.41 -0.12
N ALA A 151 -13.58 -31.08 0.63
CA ALA A 151 -13.49 -32.52 0.82
C ALA A 151 -13.76 -33.18 -0.53
N TYR A 152 -14.79 -32.68 -1.20
CA TYR A 152 -15.19 -33.18 -2.51
C TYR A 152 -14.07 -32.91 -3.50
N GLY A 153 -13.18 -32.00 -3.14
CA GLY A 153 -12.05 -31.67 -4.00
C GLY A 153 -10.95 -32.71 -3.94
N ILE A 154 -10.62 -33.18 -2.73
CA ILE A 154 -9.58 -34.19 -2.60
C ILE A 154 -10.09 -35.48 -3.26
N TYR A 155 -11.38 -35.73 -3.08
CA TYR A 155 -12.02 -36.90 -3.65
C TYR A 155 -11.61 -37.10 -5.11
N TYR A 156 -11.92 -36.12 -5.96
CA TYR A 156 -11.58 -36.21 -7.38
C TYR A 156 -10.09 -36.13 -7.65
N GLY A 157 -9.37 -35.36 -6.85
CA GLY A 157 -7.94 -35.27 -7.05
C GLY A 157 -7.38 -36.67 -6.86
N MET A 158 -7.90 -37.36 -5.85
CA MET A 158 -7.47 -38.72 -5.53
C MET A 158 -7.86 -39.62 -6.70
N LYS A 159 -9.03 -39.37 -7.27
CA LYS A 159 -9.49 -40.14 -8.42
C LYS A 159 -8.41 -40.03 -9.49
N ALA A 160 -7.94 -38.80 -9.71
CA ALA A 160 -6.92 -38.51 -10.71
C ALA A 160 -5.62 -39.23 -10.40
N ALA A 161 -5.38 -39.48 -9.12
CA ALA A 161 -4.17 -40.17 -8.71
C ALA A 161 -4.37 -41.65 -9.04
N ALA A 162 -5.58 -42.14 -8.79
CA ALA A 162 -5.93 -43.54 -9.06
C ALA A 162 -5.67 -43.91 -10.51
N LYS A 163 -6.44 -43.33 -11.43
CA LYS A 163 -6.27 -43.63 -12.85
C LYS A 163 -4.81 -43.54 -13.27
N GLU A 164 -4.02 -42.79 -12.51
CA GLU A 164 -2.60 -42.63 -12.79
C GLU A 164 -1.83 -43.87 -12.33
N ALA A 165 -2.01 -44.21 -11.06
CA ALA A 165 -1.32 -45.35 -10.44
C ALA A 165 -1.97 -46.71 -10.69
N PHE A 166 -3.28 -46.72 -10.91
CA PHE A 166 -3.98 -47.98 -11.15
C PHE A 166 -4.67 -47.99 -12.52
N GLY A 167 -4.25 -47.10 -13.40
CA GLY A 167 -4.84 -47.02 -14.73
C GLY A 167 -6.36 -46.95 -14.70
N ASP A 168 -6.90 -46.56 -13.56
CA ASP A 168 -8.34 -46.45 -13.39
C ASP A 168 -8.74 -45.54 -12.24
N ASP A 169 -9.46 -44.47 -12.58
CA ASP A 169 -9.91 -43.47 -11.63
C ASP A 169 -10.94 -44.01 -10.63
N SER A 170 -11.40 -45.23 -10.85
CA SER A 170 -12.37 -45.82 -9.93
C SER A 170 -11.61 -46.25 -8.68
N LEU A 171 -12.06 -45.74 -7.53
CA LEU A 171 -11.42 -46.06 -6.25
C LEU A 171 -12.18 -47.17 -5.56
N ALA A 172 -13.40 -47.43 -6.03
CA ALA A 172 -14.24 -48.48 -5.46
C ALA A 172 -13.43 -49.76 -5.32
N GLY A 173 -13.36 -50.28 -4.09
CA GLY A 173 -12.60 -51.49 -3.84
C GLY A 173 -11.34 -51.17 -3.05
N LYS A 174 -10.49 -50.32 -3.61
CA LYS A 174 -9.24 -49.92 -2.97
C LYS A 174 -9.36 -49.49 -1.52
N THR A 175 -8.24 -49.54 -0.80
CA THR A 175 -8.17 -49.16 0.61
C THR A 175 -7.36 -47.88 0.77
N VAL A 176 -7.85 -46.96 1.59
CA VAL A 176 -7.18 -45.68 1.80
C VAL A 176 -6.76 -45.43 3.25
N ALA A 177 -5.47 -45.17 3.46
CA ALA A 177 -4.93 -44.90 4.80
C ALA A 177 -5.13 -43.42 5.13
N VAL A 178 -6.23 -43.11 5.79
CA VAL A 178 -6.56 -41.73 6.15
C VAL A 178 -5.96 -41.22 7.45
N GLN A 179 -4.97 -40.34 7.33
CA GLN A 179 -4.31 -39.74 8.49
C GLN A 179 -5.12 -38.52 8.94
N GLY A 180 -5.63 -38.54 10.15
CA GLY A 180 -6.43 -37.43 10.63
C GLY A 180 -7.88 -37.63 10.25
N VAL A 181 -8.80 -37.20 11.11
CA VAL A 181 -10.23 -37.35 10.83
C VAL A 181 -11.01 -36.09 11.22
N GLY A 182 -10.54 -34.95 10.73
CA GLY A 182 -11.22 -33.70 11.00
C GLY A 182 -12.35 -33.54 9.98
N ASN A 183 -13.09 -32.43 10.09
CA ASN A 183 -14.20 -32.15 9.18
C ASN A 183 -13.95 -32.54 7.73
N VAL A 184 -12.86 -32.03 7.14
CA VAL A 184 -12.54 -32.36 5.76
C VAL A 184 -12.20 -33.83 5.60
N ALA A 185 -11.25 -34.32 6.39
CA ALA A 185 -10.87 -35.73 6.31
C ALA A 185 -12.13 -36.59 6.48
N TYR A 186 -12.97 -36.20 7.43
CA TYR A 186 -14.22 -36.90 7.70
C TYR A 186 -15.09 -36.94 6.45
N ALA A 187 -15.25 -35.79 5.81
CA ALA A 187 -16.07 -35.71 4.60
C ALA A 187 -15.48 -36.58 3.51
N LEU A 188 -14.19 -36.44 3.26
CA LEU A 188 -13.52 -37.23 2.22
C LEU A 188 -13.85 -38.71 2.40
N CYS A 189 -13.92 -39.14 3.66
CA CYS A 189 -14.24 -40.52 3.98
C CYS A 189 -15.59 -40.91 3.41
N GLU A 190 -16.61 -40.08 3.66
CA GLU A 190 -17.95 -40.36 3.16
C GLU A 190 -17.91 -40.63 1.66
N TYR A 191 -17.15 -39.83 0.92
CA TYR A 191 -17.05 -40.04 -0.52
C TYR A 191 -16.37 -41.37 -0.78
N LEU A 192 -15.19 -41.58 -0.19
CA LEU A 192 -14.45 -42.82 -0.35
C LEU A 192 -15.29 -44.02 0.07
N HIS A 193 -16.28 -43.77 0.92
CA HIS A 193 -17.15 -44.83 1.42
C HIS A 193 -18.30 -45.17 0.47
N GLU A 194 -19.16 -44.18 0.19
CA GLU A 194 -20.30 -44.41 -0.67
C GLU A 194 -19.91 -44.88 -2.07
N GLU A 195 -18.61 -44.81 -2.41
CA GLU A 195 -18.17 -45.29 -3.71
C GLU A 195 -17.72 -46.73 -3.52
N GLY A 196 -17.62 -47.15 -2.26
CA GLY A 196 -17.22 -48.51 -1.95
C GLY A 196 -15.72 -48.73 -1.83
N ALA A 197 -15.15 -48.35 -0.70
CA ALA A 197 -13.73 -48.52 -0.48
C ALA A 197 -13.48 -48.69 1.02
N LYS A 198 -12.38 -49.33 1.36
CA LYS A 198 -12.03 -49.55 2.76
C LYS A 198 -11.16 -48.42 3.30
N LEU A 199 -11.41 -48.02 4.53
CA LEU A 199 -10.64 -46.94 5.14
C LEU A 199 -9.91 -47.38 6.41
N ILE A 200 -8.70 -46.85 6.59
CA ILE A 200 -7.88 -47.14 7.76
C ILE A 200 -7.62 -45.81 8.48
N ILE A 201 -8.65 -45.30 9.13
CA ILE A 201 -8.57 -44.03 9.84
C ILE A 201 -7.64 -44.02 11.05
N THR A 202 -7.36 -42.81 11.54
CA THR A 202 -6.50 -42.58 12.69
C THR A 202 -6.61 -41.11 13.08
N ASP A 203 -6.03 -40.75 14.22
CA ASP A 203 -6.04 -39.37 14.70
C ASP A 203 -5.77 -39.29 16.20
N ILE A 204 -5.21 -38.16 16.61
CA ILE A 204 -4.91 -37.93 18.01
C ILE A 204 -6.19 -37.94 18.85
N ASN A 205 -7.29 -37.49 18.24
CA ASN A 205 -8.57 -37.44 18.93
C ASN A 205 -9.34 -38.76 18.81
N GLU A 206 -9.23 -39.58 19.84
CA GLU A 206 -9.90 -40.87 19.87
C GLU A 206 -11.36 -40.70 19.47
N GLU A 207 -12.03 -39.81 20.19
CA GLU A 207 -13.44 -39.51 19.99
C GLU A 207 -13.85 -39.43 18.52
N ALA A 208 -13.00 -38.84 17.69
CA ALA A 208 -13.29 -38.70 16.27
C ALA A 208 -13.03 -40.00 15.52
N VAL A 209 -12.02 -40.76 15.95
CA VAL A 209 -11.70 -42.02 15.32
C VAL A 209 -12.94 -42.91 15.43
N GLN A 210 -13.81 -42.54 16.37
CA GLN A 210 -15.06 -43.24 16.62
C GLN A 210 -16.04 -42.96 15.49
N ARG A 211 -16.56 -41.74 15.48
CA ARG A 211 -17.51 -41.28 14.47
C ARG A 211 -17.28 -41.96 13.13
N ALA A 212 -16.02 -42.04 12.72
CA ALA A 212 -15.65 -42.65 11.46
C ALA A 212 -15.82 -44.17 11.45
N VAL A 213 -15.08 -44.85 12.31
CA VAL A 213 -15.17 -46.32 12.40
C VAL A 213 -16.64 -46.74 12.38
N ASP A 214 -17.42 -46.12 13.26
CA ASP A 214 -18.84 -46.40 13.39
C ASP A 214 -19.64 -46.14 12.11
N ALA A 215 -19.43 -44.97 11.52
CA ALA A 215 -20.14 -44.57 10.31
C ALA A 215 -19.68 -45.23 9.01
N PHE A 216 -18.39 -45.52 8.90
CA PHE A 216 -17.87 -46.11 7.67
C PHE A 216 -17.35 -47.54 7.83
N GLY A 217 -17.41 -48.07 9.05
CA GLY A 217 -16.91 -49.41 9.29
C GLY A 217 -15.42 -49.41 8.97
N ALA A 218 -14.72 -48.45 9.58
CA ALA A 218 -13.29 -48.31 9.38
C ALA A 218 -12.53 -48.90 10.54
N THR A 219 -11.25 -49.19 10.32
CA THR A 219 -10.40 -49.77 11.36
C THR A 219 -9.45 -48.73 11.95
N ALA A 220 -9.50 -48.57 13.27
CA ALA A 220 -8.63 -47.64 13.97
C ALA A 220 -7.22 -48.24 14.00
N VAL A 221 -6.22 -47.38 13.82
CA VAL A 221 -4.83 -47.83 13.83
C VAL A 221 -3.94 -46.83 14.57
N GLY A 222 -2.79 -47.31 15.02
CA GLY A 222 -1.85 -46.45 15.74
C GLY A 222 -1.38 -45.28 14.90
N ILE A 223 -1.44 -44.09 15.49
CA ILE A 223 -1.03 -42.86 14.84
C ILE A 223 0.26 -42.99 14.01
N ASN A 224 1.25 -43.71 14.52
CA ASN A 224 2.50 -43.88 13.79
C ASN A 224 2.52 -45.13 12.94
N GLU A 225 1.42 -45.88 12.97
CA GLU A 225 1.29 -47.10 12.20
C GLU A 225 0.57 -46.81 10.89
N ILE A 226 -0.10 -45.66 10.85
CA ILE A 226 -0.85 -45.23 9.68
C ILE A 226 0.01 -45.10 8.42
N TYR A 227 1.32 -45.02 8.59
CA TYR A 227 2.25 -44.87 7.47
C TYR A 227 2.57 -46.10 6.63
N SER A 228 2.25 -47.29 7.11
CA SER A 228 2.58 -48.48 6.34
C SER A 228 1.44 -49.46 6.11
N GLN A 229 0.29 -49.16 6.71
CA GLN A 229 -0.89 -49.99 6.59
C GLN A 229 -1.05 -50.58 5.19
N GLU A 230 -1.79 -51.69 5.10
CA GLU A 230 -2.03 -52.35 3.83
C GLU A 230 -3.09 -51.58 3.05
N ALA A 231 -2.70 -50.47 2.43
CA ALA A 231 -3.62 -49.63 1.67
C ALA A 231 -3.06 -49.18 0.33
N ASP A 232 -3.94 -48.96 -0.64
CA ASP A 232 -3.56 -48.54 -1.98
C ASP A 232 -3.16 -47.08 -2.03
N ILE A 233 -3.89 -46.26 -1.26
CA ILE A 233 -3.64 -44.83 -1.21
C ILE A 233 -3.48 -44.31 0.21
N PHE A 234 -2.56 -43.35 0.37
CA PHE A 234 -2.30 -42.71 1.66
C PHE A 234 -2.76 -41.25 1.59
N ALA A 235 -3.72 -40.89 2.45
CA ALA A 235 -4.26 -39.54 2.46
C ALA A 235 -3.85 -38.66 3.64
N PRO A 236 -2.71 -37.98 3.54
CA PRO A 236 -2.28 -37.12 4.64
C PRO A 236 -3.30 -35.98 4.82
N CYS A 237 -4.07 -36.00 5.90
CA CYS A 237 -5.06 -34.96 6.14
C CYS A 237 -4.88 -34.32 7.51
N ALA A 238 -3.76 -34.61 8.15
CA ALA A 238 -3.49 -34.06 9.48
C ALA A 238 -2.58 -32.86 9.34
N LEU A 239 -1.40 -32.93 9.97
CA LEU A 239 -0.44 -31.84 9.91
C LEU A 239 0.45 -32.01 8.68
N GLY A 240 1.36 -31.07 8.47
CA GLY A 240 2.24 -31.13 7.31
C GLY A 240 3.60 -31.77 7.58
N ALA A 241 4.41 -31.87 6.52
CA ALA A 241 5.74 -32.44 6.62
C ALA A 241 5.70 -33.92 6.99
N ILE A 242 4.50 -34.52 6.95
CA ILE A 242 4.36 -35.93 7.30
C ILE A 242 5.08 -36.82 6.30
N ILE A 243 5.46 -36.25 5.16
CA ILE A 243 6.18 -37.01 4.16
C ILE A 243 7.64 -36.64 4.31
N ASN A 244 8.37 -37.47 5.05
CA ASN A 244 9.79 -37.25 5.31
C ASN A 244 10.61 -38.52 5.26
N ASP A 245 11.87 -38.40 5.66
CA ASP A 245 12.81 -39.53 5.67
C ASP A 245 12.26 -40.76 6.38
N GLU A 246 11.60 -40.56 7.52
CA GLU A 246 11.04 -41.69 8.25
C GLU A 246 9.91 -42.37 7.50
N THR A 247 8.95 -41.56 7.04
CA THR A 247 7.79 -42.07 6.35
C THR A 247 7.99 -42.58 4.92
N ILE A 248 8.92 -41.99 4.18
CA ILE A 248 9.16 -42.41 2.80
C ILE A 248 9.25 -43.93 2.67
N PRO A 249 10.23 -44.56 3.35
CA PRO A 249 10.36 -46.03 3.27
C PRO A 249 9.05 -46.76 3.61
N GLN A 250 8.65 -46.65 4.87
CA GLN A 250 7.43 -47.28 5.37
C GLN A 250 6.34 -47.41 4.31
N LEU A 251 5.92 -46.27 3.78
CA LEU A 251 4.86 -46.20 2.77
C LEU A 251 4.66 -47.42 1.89
N LYS A 252 3.49 -48.04 2.04
CA LYS A 252 3.12 -49.22 1.27
C LYS A 252 2.19 -48.79 0.14
N ALA A 253 1.43 -47.72 0.40
CA ALA A 253 0.49 -47.20 -0.59
C ALA A 253 1.21 -46.75 -1.87
N LYS A 254 0.52 -46.86 -2.99
CA LYS A 254 1.07 -46.48 -4.27
C LYS A 254 0.87 -44.99 -4.53
N VAL A 255 -0.09 -44.40 -3.82
CA VAL A 255 -0.39 -42.99 -4.00
C VAL A 255 -0.49 -42.16 -2.71
N ILE A 256 -0.06 -40.90 -2.82
CA ILE A 256 -0.12 -39.95 -1.73
C ILE A 256 -1.05 -38.82 -2.17
N ALA A 257 -2.25 -38.78 -1.59
CA ALA A 257 -3.23 -37.75 -1.93
C ALA A 257 -3.97 -37.32 -0.66
N GLY A 258 -3.68 -36.12 -0.17
CA GLY A 258 -4.35 -35.66 1.03
C GLY A 258 -4.62 -34.17 1.13
N SER A 259 -5.39 -33.78 2.13
CA SER A 259 -5.78 -32.40 2.36
C SER A 259 -4.74 -31.49 3.02
N ALA A 260 -3.82 -32.09 3.76
CA ALA A 260 -2.79 -31.32 4.47
C ALA A 260 -1.92 -30.39 3.64
N ASN A 261 -1.45 -29.31 4.28
CA ASN A 261 -0.57 -28.34 3.64
C ASN A 261 0.90 -28.69 3.94
N ASN A 262 1.80 -28.27 3.06
CA ASN A 262 3.23 -28.52 3.23
C ASN A 262 3.54 -30.00 3.47
N GLN A 263 2.88 -30.85 2.69
CA GLN A 263 3.06 -32.29 2.81
C GLN A 263 4.51 -32.81 2.71
N LEU A 264 5.38 -32.01 2.09
CA LEU A 264 6.79 -32.41 1.95
C LEU A 264 7.63 -31.58 2.92
N LYS A 265 8.38 -32.25 3.77
CA LYS A 265 9.24 -31.57 4.74
C LYS A 265 10.38 -30.86 4.02
N GLU A 266 10.91 -31.51 2.99
CA GLU A 266 12.00 -30.95 2.19
C GLU A 266 11.69 -31.21 0.72
N THR A 267 12.30 -30.41 -0.16
CA THR A 267 12.09 -30.59 -1.59
C THR A 267 12.61 -31.97 -1.95
N ARG A 268 13.72 -32.35 -1.32
CA ARG A 268 14.35 -33.65 -1.52
C ARG A 268 13.31 -34.76 -1.48
N HIS A 269 12.54 -34.79 -0.39
CA HIS A 269 11.51 -35.79 -0.21
C HIS A 269 10.70 -35.96 -1.48
N GLY A 270 10.38 -34.85 -2.14
CA GLY A 270 9.61 -34.91 -3.37
C GLY A 270 10.44 -35.51 -4.47
N ASP A 271 11.62 -34.92 -4.70
CA ASP A 271 12.54 -35.38 -5.74
C ASP A 271 12.67 -36.90 -5.77
N LEU A 272 12.69 -37.51 -4.59
CA LEU A 272 12.87 -38.95 -4.50
C LEU A 272 11.63 -39.85 -4.47
N ILE A 273 10.52 -39.40 -3.91
CA ILE A 273 9.34 -40.27 -3.93
C ILE A 273 8.95 -40.45 -5.39
N HIS A 274 9.38 -39.50 -6.21
CA HIS A 274 9.13 -39.52 -7.65
C HIS A 274 9.96 -40.63 -8.31
N GLU A 275 11.00 -41.07 -7.59
CA GLU A 275 11.88 -42.12 -8.07
C GLU A 275 11.16 -43.44 -7.83
N MET A 276 10.69 -43.60 -6.59
CA MET A 276 9.99 -44.79 -6.14
C MET A 276 8.72 -45.05 -6.94
N GLY A 277 8.36 -44.11 -7.79
CA GLY A 277 7.17 -44.29 -8.60
C GLY A 277 5.90 -44.09 -7.81
N ILE A 278 6.00 -43.32 -6.73
CA ILE A 278 4.82 -43.03 -5.93
C ILE A 278 4.09 -41.92 -6.67
N VAL A 279 2.77 -41.96 -6.66
CA VAL A 279 1.99 -40.94 -7.34
C VAL A 279 1.62 -39.86 -6.33
N TYR A 280 2.24 -38.69 -6.46
CA TYR A 280 1.98 -37.58 -5.56
C TYR A 280 1.18 -36.45 -6.18
N ALA A 281 0.01 -36.19 -5.60
CA ALA A 281 -0.86 -35.11 -6.04
C ALA A 281 -0.42 -33.91 -5.21
N PRO A 282 0.31 -32.98 -5.83
CA PRO A 282 0.80 -31.78 -5.14
C PRO A 282 -0.25 -31.19 -4.20
N ASP A 283 0.12 -31.04 -2.94
CA ASP A 283 -0.76 -30.53 -1.89
C ASP A 283 -1.58 -29.25 -2.16
N TYR A 284 -0.91 -28.14 -2.42
CA TYR A 284 -1.60 -26.87 -2.64
C TYR A 284 -2.55 -26.86 -3.82
N VAL A 285 -2.48 -27.91 -4.64
CA VAL A 285 -3.36 -28.01 -5.79
C VAL A 285 -4.55 -28.92 -5.46
N ILE A 286 -4.27 -30.10 -4.95
CA ILE A 286 -5.36 -31.03 -4.65
C ILE A 286 -6.33 -30.47 -3.60
N ASN A 287 -5.81 -29.69 -2.66
CA ASN A 287 -6.69 -29.11 -1.65
C ASN A 287 -7.29 -27.76 -2.09
N SER A 288 -7.17 -27.47 -3.39
CA SER A 288 -7.67 -26.21 -3.97
C SER A 288 -9.15 -25.97 -3.71
N GLY A 289 -9.94 -27.05 -3.66
CA GLY A 289 -11.36 -26.93 -3.43
C GLY A 289 -11.73 -25.85 -2.44
N GLY A 290 -10.80 -25.58 -1.52
CA GLY A 290 -11.03 -24.57 -0.51
C GLY A 290 -11.10 -23.15 -1.04
N VAL A 291 -10.10 -22.73 -1.81
CA VAL A 291 -10.10 -21.38 -2.37
C VAL A 291 -11.13 -21.27 -3.50
N ILE A 292 -11.24 -22.31 -4.32
CA ILE A 292 -12.22 -22.30 -5.39
C ILE A 292 -13.59 -21.94 -4.79
N ASN A 293 -13.95 -22.67 -3.75
CA ASN A 293 -15.22 -22.48 -3.07
C ASN A 293 -15.49 -21.02 -2.62
N VAL A 294 -14.48 -20.37 -2.05
CA VAL A 294 -14.67 -18.99 -1.60
C VAL A 294 -14.76 -18.02 -2.78
N ALA A 295 -14.13 -18.38 -3.90
CA ALA A 295 -14.16 -17.54 -5.09
C ALA A 295 -15.57 -17.55 -5.71
N ASP A 296 -16.28 -18.66 -5.53
CA ASP A 296 -17.63 -18.78 -6.07
C ASP A 296 -18.62 -17.84 -5.42
N GLU A 297 -18.18 -17.11 -4.39
CA GLU A 297 -19.07 -16.19 -3.71
C GLU A 297 -19.08 -14.88 -4.49
N LEU A 298 -17.93 -14.57 -5.10
CA LEU A 298 -17.76 -13.35 -5.88
C LEU A 298 -18.80 -13.18 -6.98
N ASP A 299 -19.41 -14.28 -7.41
CA ASP A 299 -20.43 -14.22 -8.45
C ASP A 299 -21.74 -14.79 -7.89
N GLY A 300 -22.00 -14.50 -6.61
CA GLY A 300 -23.20 -15.02 -5.97
C GLY A 300 -22.97 -16.46 -5.57
N TYR A 301 -22.70 -16.69 -4.29
CA TYR A 301 -22.41 -18.05 -3.84
C TYR A 301 -23.49 -19.09 -4.15
N ASN A 302 -23.03 -20.26 -4.56
CA ASN A 302 -23.91 -21.35 -4.89
C ASN A 302 -23.19 -22.66 -4.63
N ARG A 303 -23.51 -23.28 -3.51
CA ARG A 303 -22.90 -24.54 -3.12
C ARG A 303 -22.84 -25.57 -4.25
N GLU A 304 -23.95 -25.78 -4.92
CA GLU A 304 -23.99 -26.76 -6.00
C GLU A 304 -22.93 -26.53 -7.08
N ARG A 305 -22.86 -25.32 -7.61
CA ARG A 305 -21.88 -24.99 -8.65
C ARG A 305 -20.49 -25.16 -8.06
N ALA A 306 -20.29 -24.60 -6.87
CA ALA A 306 -19.02 -24.69 -6.18
C ALA A 306 -18.59 -26.16 -6.16
N LEU A 307 -19.44 -27.01 -5.61
CA LEU A 307 -19.17 -28.44 -5.52
C LEU A 307 -18.86 -29.04 -6.88
N LYS A 308 -19.47 -28.49 -7.91
CA LYS A 308 -19.25 -28.99 -9.27
C LYS A 308 -17.93 -28.51 -9.85
N ARG A 309 -17.57 -27.24 -9.62
CA ARG A 309 -16.31 -26.73 -10.16
C ARG A 309 -15.11 -27.37 -9.47
N VAL A 310 -15.27 -27.65 -8.18
CA VAL A 310 -14.19 -28.27 -7.41
C VAL A 310 -13.81 -29.60 -8.06
N GLU A 311 -14.80 -30.27 -8.63
CA GLU A 311 -14.61 -31.54 -9.30
C GLU A 311 -13.60 -31.44 -10.44
N GLY A 312 -13.25 -30.22 -10.83
CA GLY A 312 -12.31 -30.02 -11.91
C GLY A 312 -10.85 -30.24 -11.54
N ILE A 313 -10.60 -30.51 -10.27
CA ILE A 313 -9.23 -30.74 -9.80
C ILE A 313 -8.72 -32.01 -10.48
N TYR A 314 -9.65 -32.83 -10.93
CA TYR A 314 -9.32 -34.08 -11.61
C TYR A 314 -8.45 -33.80 -12.83
N ASP A 315 -8.86 -32.82 -13.63
CA ASP A 315 -8.14 -32.47 -14.84
C ASP A 315 -6.81 -31.78 -14.56
N VAL A 316 -6.86 -30.77 -13.70
CA VAL A 316 -5.64 -30.03 -13.36
C VAL A 316 -4.57 -30.96 -12.79
N ILE A 317 -4.96 -31.89 -11.92
CA ILE A 317 -4.01 -32.83 -11.36
C ILE A 317 -3.44 -33.63 -12.52
N GLY A 318 -4.32 -34.00 -13.45
CA GLY A 318 -3.89 -34.74 -14.62
C GLY A 318 -2.87 -33.94 -15.40
N LYS A 319 -3.17 -32.66 -15.63
CA LYS A 319 -2.27 -31.76 -16.36
C LYS A 319 -0.91 -31.78 -15.68
N ILE A 320 -0.93 -31.86 -14.35
CA ILE A 320 0.28 -31.89 -13.57
C ILE A 320 1.13 -33.12 -13.91
N PHE A 321 0.48 -34.28 -13.99
CA PHE A 321 1.19 -35.52 -14.33
C PHE A 321 1.76 -35.41 -15.74
N ALA A 322 0.99 -34.77 -16.62
CA ALA A 322 1.40 -34.59 -18.01
C ALA A 322 2.64 -33.72 -18.14
N ILE A 323 2.81 -32.78 -17.21
CA ILE A 323 3.97 -31.91 -17.26
C ILE A 323 5.22 -32.69 -16.85
N SER A 324 5.11 -33.49 -15.79
CA SER A 324 6.24 -34.28 -15.33
C SER A 324 6.69 -35.16 -16.50
N LYS A 325 5.73 -35.86 -17.10
CA LYS A 325 6.00 -36.69 -18.26
C LYS A 325 6.16 -35.70 -19.42
N ARG A 326 7.21 -34.89 -19.36
CA ARG A 326 7.48 -33.90 -20.41
C ARG A 326 8.84 -33.30 -20.19
N ASP A 327 9.09 -32.88 -18.95
CA ASP A 327 10.37 -32.29 -18.57
C ASP A 327 11.00 -33.27 -17.59
N ASN A 328 10.31 -34.39 -17.39
CA ASN A 328 10.72 -35.45 -16.49
C ASN A 328 11.09 -34.93 -15.10
N ILE A 329 10.15 -34.17 -14.51
CA ILE A 329 10.35 -33.59 -13.19
C ILE A 329 9.24 -34.04 -12.26
N PRO A 330 9.51 -34.14 -10.95
CA PRO A 330 8.49 -34.57 -9.98
C PRO A 330 7.25 -33.66 -9.96
N THR A 331 6.11 -34.25 -9.59
CA THR A 331 4.86 -33.51 -9.54
C THR A 331 4.90 -32.17 -8.79
N TYR A 332 5.61 -32.08 -7.67
CA TYR A 332 5.66 -30.83 -6.93
C TYR A 332 6.32 -29.75 -7.76
N VAL A 333 7.10 -30.16 -8.75
CA VAL A 333 7.76 -29.21 -9.62
C VAL A 333 6.86 -28.95 -10.83
N ALA A 334 6.12 -29.98 -11.23
CA ALA A 334 5.20 -29.87 -12.37
C ALA A 334 4.08 -28.89 -12.04
N ALA A 335 3.77 -28.76 -10.76
CA ALA A 335 2.73 -27.85 -10.31
C ALA A 335 3.18 -26.42 -10.55
N ASP A 336 4.27 -26.03 -9.89
CA ASP A 336 4.82 -24.69 -10.03
C ASP A 336 4.92 -24.25 -11.48
N ARG A 337 5.31 -25.19 -12.33
CA ARG A 337 5.48 -24.90 -13.74
C ARG A 337 4.16 -24.77 -14.50
N MET A 338 3.16 -25.54 -14.08
CA MET A 338 1.87 -25.47 -14.75
C MET A 338 1.17 -24.13 -14.50
N ALA A 339 1.37 -23.57 -13.32
CA ALA A 339 0.77 -22.29 -12.98
C ALA A 339 1.42 -21.17 -13.79
N GLU A 340 2.75 -21.16 -13.80
CA GLU A 340 3.51 -20.14 -14.51
C GLU A 340 3.11 -20.17 -15.98
N GLU A 341 2.93 -21.39 -16.50
CA GLU A 341 2.55 -21.54 -17.89
C GLU A 341 1.16 -21.01 -18.16
N ARG A 342 0.22 -21.27 -17.26
CA ARG A 342 -1.13 -20.77 -17.47
C ARG A 342 -1.16 -19.25 -17.38
N ILE A 343 -0.49 -18.72 -16.36
CA ILE A 343 -0.44 -17.28 -16.17
C ILE A 343 0.09 -16.62 -17.45
N ALA A 344 1.09 -17.24 -18.04
CA ALA A 344 1.70 -16.73 -19.27
C ALA A 344 0.74 -16.79 -20.44
N ARG A 345 0.15 -17.97 -20.63
CA ARG A 345 -0.78 -18.22 -21.73
C ARG A 345 -2.00 -17.32 -21.70
N VAL A 346 -2.53 -17.10 -20.50
CA VAL A 346 -3.70 -16.24 -20.35
C VAL A 346 -3.31 -14.79 -20.58
N ALA A 347 -2.19 -14.36 -20.02
CA ALA A 347 -1.75 -12.98 -20.19
C ALA A 347 -1.64 -12.62 -21.68
N ASN A 348 -1.13 -13.57 -22.45
CA ASN A 348 -0.94 -13.42 -23.88
C ASN A 348 -2.27 -13.29 -24.62
N THR A 349 -3.17 -14.23 -24.33
CA THR A 349 -4.50 -14.27 -24.93
C THR A 349 -5.30 -12.99 -24.68
N ARG A 350 -5.17 -12.43 -23.48
CA ARG A 350 -5.93 -11.25 -23.11
C ARG A 350 -5.28 -9.92 -23.39
N SER A 351 -4.32 -9.89 -24.31
CA SER A 351 -3.62 -8.66 -24.65
C SER A 351 -4.28 -7.93 -25.82
N THR A 352 -5.35 -8.50 -26.36
CA THR A 352 -6.09 -7.88 -27.46
C THR A 352 -7.01 -6.80 -26.86
N PHE A 353 -7.02 -5.59 -27.41
CA PHE A 353 -7.83 -4.51 -26.85
C PHE A 353 -9.34 -4.72 -26.78
N LEU A 354 -9.91 -4.25 -25.67
CA LEU A 354 -11.34 -4.32 -25.42
C LEU A 354 -11.67 -3.15 -24.51
N GLN A 355 -12.77 -2.47 -24.77
CA GLN A 355 -13.16 -1.35 -23.94
C GLN A 355 -13.54 -1.78 -22.55
N ASN A 356 -14.11 -2.97 -22.40
CA ASN A 356 -14.46 -3.44 -21.05
C ASN A 356 -14.33 -4.95 -20.85
N GLU A 357 -13.12 -5.50 -20.84
CA GLU A 357 -12.97 -6.94 -20.62
C GLU A 357 -13.69 -7.37 -19.31
N LYS A 358 -13.94 -8.68 -19.17
CA LYS A 358 -14.59 -9.20 -17.96
C LYS A 358 -13.55 -9.50 -16.88
N SER A 359 -14.05 -9.78 -15.68
CA SER A 359 -13.22 -10.13 -14.52
C SER A 359 -14.18 -10.57 -13.42
N VAL A 360 -13.67 -11.33 -12.45
CA VAL A 360 -14.51 -11.80 -11.35
C VAL A 360 -15.37 -10.71 -10.74
N LEU A 361 -15.03 -9.44 -10.97
CA LEU A 361 -15.81 -8.35 -10.40
C LEU A 361 -16.95 -7.87 -11.29
N SER A 362 -16.87 -8.11 -12.58
CA SER A 362 -17.94 -7.69 -13.48
C SER A 362 -19.28 -8.30 -13.03
N ARG A 363 -20.33 -7.49 -12.96
CA ARG A 363 -21.63 -8.00 -12.55
C ARG A 363 -22.22 -8.93 -13.61
N MET B 1 14.05 -0.35 10.23
CA MET B 1 13.31 0.38 11.30
C MET B 1 12.03 -0.37 11.66
N GLU B 2 11.38 0.09 12.72
CA GLU B 2 10.13 -0.48 13.17
C GLU B 2 9.04 0.38 12.53
N ILE B 3 8.59 -0.02 11.35
CA ILE B 3 7.58 0.77 10.64
C ILE B 3 6.28 0.90 11.40
N PHE B 4 5.75 -0.22 11.85
CA PHE B 4 4.50 -0.21 12.59
C PHE B 4 4.55 0.64 13.84
N LYS B 5 5.72 0.72 14.47
CA LYS B 5 5.87 1.52 15.68
C LYS B 5 5.90 3.01 15.31
N TYR B 6 6.59 3.34 14.22
CA TYR B 6 6.65 4.73 13.76
C TYR B 6 5.26 5.21 13.33
N MET B 7 4.56 4.37 12.57
CA MET B 7 3.22 4.71 12.08
C MET B 7 2.21 4.91 13.19
N GLU B 8 2.22 4.04 14.19
CA GLU B 8 1.27 4.18 15.28
C GLU B 8 1.50 5.43 16.13
N HIS B 9 2.76 5.81 16.32
CA HIS B 9 3.07 6.97 17.13
C HIS B 9 2.26 8.20 16.73
N GLN B 10 2.35 8.59 15.46
CA GLN B 10 1.59 9.75 14.99
C GLN B 10 0.36 9.30 14.19
N ASP B 11 0.04 8.02 14.33
CA ASP B 11 -1.12 7.41 13.70
C ASP B 11 -1.18 7.56 12.18
N TYR B 12 -0.19 6.99 11.50
CA TYR B 12 -0.14 7.03 10.05
C TYR B 12 -1.13 5.99 9.56
N GLU B 13 -1.85 6.33 8.48
CA GLU B 13 -2.85 5.43 7.93
C GLU B 13 -2.23 4.28 7.13
N GLN B 14 -1.43 4.58 6.12
CA GLN B 14 -0.84 3.53 5.32
C GLN B 14 0.54 3.85 4.77
N LEU B 15 1.21 2.80 4.33
CA LEU B 15 2.52 2.88 3.71
C LEU B 15 2.37 1.87 2.58
N VAL B 16 2.19 2.38 1.37
CA VAL B 16 2.01 1.52 0.20
C VAL B 16 3.33 1.41 -0.56
N ILE B 17 3.96 0.24 -0.46
CA ILE B 17 5.23 -0.01 -1.14
C ILE B 17 4.97 -0.72 -2.46
N CYS B 18 5.31 -0.03 -3.55
CA CYS B 18 5.09 -0.55 -4.89
C CYS B 18 6.40 -0.83 -5.64
N GLN B 19 6.44 -1.95 -6.34
CA GLN B 19 7.65 -2.33 -7.05
C GLN B 19 7.35 -2.90 -8.43
N ASP B 20 8.30 -2.69 -9.34
CA ASP B 20 8.23 -3.20 -10.70
C ASP B 20 9.65 -3.53 -11.14
N LYS B 21 9.95 -4.82 -11.27
CA LYS B 21 11.28 -5.25 -11.63
C LYS B 21 11.79 -4.71 -12.94
N ALA B 22 11.00 -4.91 -13.99
CA ALA B 22 11.35 -4.46 -15.33
C ALA B 22 11.71 -3.01 -15.51
N SER B 23 11.14 -2.12 -14.69
CA SER B 23 11.45 -0.70 -14.85
C SER B 23 12.30 -0.18 -13.69
N GLY B 24 12.55 -1.04 -12.72
CA GLY B 24 13.32 -0.63 -11.56
C GLY B 24 12.57 0.35 -10.65
N LEU B 25 11.24 0.32 -10.70
CA LEU B 25 10.45 1.21 -9.84
C LEU B 25 10.41 0.76 -8.37
N LYS B 26 10.92 1.62 -7.50
CA LYS B 26 10.91 1.37 -6.08
C LYS B 26 10.21 2.59 -5.52
N ALA B 27 8.93 2.44 -5.23
CA ALA B 27 8.13 3.55 -4.75
C ALA B 27 7.53 3.32 -3.36
N ILE B 28 7.60 4.36 -2.55
CA ILE B 28 7.07 4.34 -1.19
C ILE B 28 6.04 5.44 -1.13
N ILE B 29 4.77 5.07 -0.94
CA ILE B 29 3.73 6.09 -0.83
C ILE B 29 3.30 6.12 0.63
N ALA B 30 3.54 7.24 1.28
CA ALA B 30 3.15 7.38 2.67
C ALA B 30 1.86 8.19 2.79
N ILE B 31 0.86 7.61 3.44
CA ILE B 31 -0.41 8.28 3.64
C ILE B 31 -0.47 8.52 5.14
N HIS B 32 -0.46 9.77 5.56
CA HIS B 32 -0.50 10.03 6.97
C HIS B 32 -1.93 10.18 7.49
N ASP B 33 -2.60 11.19 6.96
CA ASP B 33 -3.96 11.47 7.37
C ASP B 33 -4.88 11.85 6.20
N THR B 34 -6.02 11.17 6.07
CA THR B 34 -6.95 11.48 5.00
C THR B 34 -8.27 12.03 5.52
N THR B 35 -8.25 12.57 6.73
CA THR B 35 -9.44 13.14 7.34
C THR B 35 -10.07 14.29 6.54
N LEU B 36 -9.27 15.24 6.09
CA LEU B 36 -9.82 16.35 5.32
C LEU B 36 -10.14 15.91 3.91
N GLY B 37 -9.66 14.73 3.53
CA GLY B 37 -9.91 14.25 2.19
C GLY B 37 -8.74 13.48 1.63
N PRO B 38 -8.74 13.21 0.30
CA PRO B 38 -7.60 12.47 -0.23
C PRO B 38 -6.24 13.04 0.19
N ALA B 39 -5.26 12.18 0.32
CA ALA B 39 -3.93 12.63 0.69
C ALA B 39 -3.23 13.14 -0.57
N LEU B 40 -2.74 14.37 -0.51
CA LEU B 40 -2.03 14.96 -1.63
C LEU B 40 -0.61 15.36 -1.24
N GLY B 41 0.34 14.95 -2.06
CA GLY B 41 1.74 15.22 -1.83
C GLY B 41 2.52 14.74 -3.04
N GLY B 42 3.52 15.51 -3.45
CA GLY B 42 4.32 15.16 -4.62
C GLY B 42 5.27 14.02 -4.38
N THR B 43 5.91 13.53 -5.43
CA THR B 43 6.83 12.43 -5.28
C THR B 43 8.25 12.97 -5.43
N ARG B 44 9.06 12.68 -4.43
CA ARG B 44 10.44 13.10 -4.40
C ARG B 44 11.20 11.90 -4.95
N MET B 45 11.92 12.09 -6.06
CA MET B 45 12.73 11.02 -6.61
C MET B 45 14.18 11.36 -6.30
N TRP B 46 14.84 10.50 -5.55
CA TRP B 46 16.21 10.73 -5.18
C TRP B 46 16.90 9.44 -4.81
N THR B 47 18.19 9.52 -4.56
CA THR B 47 18.97 8.35 -4.17
C THR B 47 19.12 8.37 -2.65
N TYR B 48 18.92 7.22 -2.02
CA TYR B 48 19.01 7.11 -0.57
C TYR B 48 20.04 6.07 -0.14
N ALA B 49 20.79 6.43 0.90
CA ALA B 49 21.83 5.55 1.44
C ALA B 49 21.31 4.26 2.07
N SER B 50 20.02 4.20 2.35
CA SER B 50 19.42 3.03 2.99
C SER B 50 17.92 2.97 2.72
N GLU B 51 17.37 1.76 2.63
CA GLU B 51 15.94 1.59 2.39
C GLU B 51 15.11 2.24 3.49
N GLU B 52 15.35 1.82 4.73
CA GLU B 52 14.60 2.36 5.84
C GLU B 52 14.80 3.88 5.91
N GLU B 53 15.85 4.37 5.27
CA GLU B 53 16.12 5.81 5.27
C GLU B 53 15.13 6.58 4.39
N ALA B 54 14.70 5.97 3.29
CA ALA B 54 13.75 6.60 2.38
C ALA B 54 12.32 6.48 2.92
N ILE B 55 12.04 5.37 3.57
CA ILE B 55 10.73 5.11 4.16
C ILE B 55 10.46 6.10 5.28
N GLU B 56 11.52 6.43 6.01
CA GLU B 56 11.42 7.37 7.12
C GLU B 56 11.16 8.75 6.53
N ASP B 57 11.86 9.06 5.45
CA ASP B 57 11.73 10.34 4.76
C ASP B 57 10.33 10.55 4.20
N ALA B 58 9.75 9.50 3.64
CA ALA B 58 8.39 9.55 3.08
C ALA B 58 7.36 9.81 4.18
N LEU B 59 7.44 9.04 5.27
CA LEU B 59 6.53 9.20 6.40
C LEU B 59 6.62 10.60 6.98
N ARG B 60 7.84 11.04 7.26
CA ARG B 60 8.05 12.37 7.81
C ARG B 60 7.44 13.42 6.87
N LEU B 61 7.67 13.25 5.57
CA LEU B 61 7.15 14.18 4.57
C LEU B 61 5.62 14.18 4.42
N ALA B 62 5.01 12.99 4.45
CA ALA B 62 3.55 12.87 4.35
C ALA B 62 2.88 13.65 5.48
N ARG B 63 3.34 13.44 6.71
CA ARG B 63 2.80 14.15 7.87
C ARG B 63 3.05 15.66 7.73
N GLY B 64 4.11 16.02 7.03
CA GLY B 64 4.37 17.44 6.82
C GLY B 64 3.23 17.97 5.96
N MET B 65 2.93 17.25 4.88
CA MET B 65 1.86 17.63 3.96
C MET B 65 0.47 17.70 4.59
N THR B 66 0.21 16.90 5.64
CA THR B 66 -1.10 16.98 6.24
C THR B 66 -1.24 18.23 7.07
N TYR B 67 -0.11 18.84 7.46
CA TYR B 67 -0.15 20.09 8.22
C TYR B 67 -0.24 21.26 7.25
N LYS B 68 0.48 21.14 6.14
CA LYS B 68 0.48 22.19 5.13
C LYS B 68 -0.91 22.31 4.55
N ASN B 69 -1.37 21.24 3.90
CA ASN B 69 -2.69 21.22 3.27
C ASN B 69 -3.79 21.72 4.19
N ALA B 70 -3.75 21.32 5.46
CA ALA B 70 -4.74 21.74 6.46
C ALA B 70 -4.61 23.22 6.80
N ALA B 71 -3.39 23.69 7.02
CA ALA B 71 -3.17 25.08 7.36
C ALA B 71 -3.56 25.94 6.16
N ALA B 72 -3.26 25.43 4.98
CA ALA B 72 -3.56 26.13 3.74
C ALA B 72 -5.08 26.26 3.49
N GLY B 73 -5.89 25.62 4.34
CA GLY B 73 -7.33 25.71 4.18
C GLY B 73 -7.87 24.84 3.05
N LEU B 74 -7.07 23.89 2.60
CA LEU B 74 -7.48 23.00 1.53
C LEU B 74 -8.14 21.77 2.14
N ASN B 75 -8.91 21.06 1.32
CA ASN B 75 -9.61 19.87 1.77
C ASN B 75 -8.89 18.64 1.26
N LEU B 76 -7.68 18.44 1.79
CA LEU B 76 -6.82 17.34 1.40
C LEU B 76 -6.06 16.85 2.60
N GLY B 77 -5.80 15.54 2.62
CA GLY B 77 -5.05 14.93 3.69
C GLY B 77 -3.56 14.99 3.42
N GLY B 78 -2.77 14.29 4.23
CA GLY B 78 -1.33 14.31 4.03
C GLY B 78 -0.65 13.06 3.51
N GLY B 79 0.00 13.19 2.36
CA GLY B 79 0.71 12.08 1.77
C GLY B 79 1.96 12.56 1.04
N LYS B 80 2.78 11.62 0.61
CA LYS B 80 4.00 11.95 -0.08
C LYS B 80 4.55 10.67 -0.68
N THR B 81 5.20 10.76 -1.83
CA THR B 81 5.78 9.57 -2.42
C THR B 81 7.27 9.77 -2.61
N VAL B 82 8.03 8.77 -2.17
CA VAL B 82 9.47 8.77 -2.30
C VAL B 82 9.85 7.63 -3.23
N ILE B 83 10.50 7.99 -4.34
CA ILE B 83 10.97 7.00 -5.31
C ILE B 83 12.50 6.96 -5.18
N ILE B 84 13.03 5.78 -4.90
CA ILE B 84 14.48 5.67 -4.76
C ILE B 84 15.14 5.38 -6.11
N GLY B 85 16.04 6.27 -6.51
CA GLY B 85 16.74 6.13 -7.78
C GLY B 85 17.33 7.47 -8.19
N ASN B 86 18.34 7.46 -9.06
CA ASN B 86 18.97 8.69 -9.50
C ASN B 86 18.12 9.34 -10.58
N PRO B 87 17.53 10.51 -10.26
CA PRO B 87 16.67 11.25 -11.20
C PRO B 87 17.31 11.63 -12.52
N LYS B 88 18.64 11.75 -12.54
CA LYS B 88 19.35 12.13 -13.75
C LYS B 88 19.63 10.98 -14.70
N THR B 89 19.54 9.75 -14.23
CA THR B 89 19.83 8.59 -15.06
C THR B 89 18.76 7.49 -15.08
N ASP B 90 18.25 7.15 -13.90
CA ASP B 90 17.27 6.07 -13.77
C ASP B 90 15.85 6.23 -14.34
N LYS B 91 15.37 7.45 -14.56
CA LYS B 91 14.02 7.62 -15.10
C LYS B 91 13.76 6.93 -16.44
N ASN B 92 12.55 6.41 -16.60
CA ASN B 92 12.12 5.76 -17.83
C ASN B 92 10.58 5.68 -17.81
N ASP B 93 9.95 5.93 -18.96
CA ASP B 93 8.49 5.90 -19.10
C ASP B 93 7.73 4.86 -18.28
N GLU B 94 8.13 3.61 -18.41
CA GLU B 94 7.49 2.52 -17.70
C GLU B 94 7.38 2.68 -16.18
N MET B 95 8.43 3.15 -15.52
CA MET B 95 8.36 3.29 -14.08
C MET B 95 7.26 4.25 -13.61
N PHE B 96 6.99 5.29 -14.38
CA PHE B 96 5.96 6.24 -13.99
C PHE B 96 4.58 5.70 -14.32
N ARG B 97 4.48 5.07 -15.47
CA ARG B 97 3.23 4.43 -15.88
C ARG B 97 2.82 3.50 -14.73
N ALA B 98 3.75 2.61 -14.35
CA ALA B 98 3.53 1.65 -13.27
C ALA B 98 3.08 2.36 -11.99
N PHE B 99 3.74 3.48 -11.71
CA PHE B 99 3.42 4.28 -10.57
C PHE B 99 1.96 4.72 -10.67
N GLY B 100 1.59 5.31 -11.81
CA GLY B 100 0.23 5.76 -12.03
C GLY B 100 -0.81 4.66 -11.86
N ARG B 101 -0.49 3.43 -12.27
CA ARG B 101 -1.44 2.35 -12.10
C ARG B 101 -1.74 2.12 -10.62
N TYR B 102 -0.67 2.05 -9.83
CA TYR B 102 -0.82 1.82 -8.40
C TYR B 102 -1.60 2.94 -7.74
N ILE B 103 -1.44 4.16 -8.25
CA ILE B 103 -2.15 5.28 -7.68
C ILE B 103 -3.64 5.16 -8.03
N GLU B 104 -3.90 4.67 -9.24
CA GLU B 104 -5.28 4.46 -9.69
C GLU B 104 -5.85 3.47 -8.69
N GLY B 105 -5.00 2.50 -8.34
CA GLY B 105 -5.37 1.47 -7.39
C GLY B 105 -5.80 2.03 -6.03
N LEU B 106 -5.11 3.05 -5.52
CA LEU B 106 -5.49 3.62 -4.24
C LEU B 106 -6.80 4.39 -4.36
N ASN B 107 -7.41 4.27 -5.54
CA ASN B 107 -8.70 4.89 -5.88
C ASN B 107 -9.03 6.27 -5.32
N GLY B 108 -8.11 7.22 -5.37
CA GLY B 108 -8.43 8.54 -4.86
C GLY B 108 -7.98 8.82 -3.44
N ARG B 109 -7.37 7.84 -2.77
CA ARG B 109 -6.90 8.11 -1.42
C ARG B 109 -5.59 8.91 -1.47
N TYR B 110 -4.88 8.81 -2.58
CA TYR B 110 -3.63 9.54 -2.75
C TYR B 110 -3.57 10.28 -4.10
N ILE B 111 -3.10 11.53 -4.07
CA ILE B 111 -2.98 12.33 -5.28
C ILE B 111 -1.55 12.86 -5.31
N THR B 112 -0.88 12.69 -6.45
CA THR B 112 0.51 13.09 -6.58
C THR B 112 0.77 14.40 -7.34
N ALA B 113 2.02 14.83 -7.33
CA ALA B 113 2.47 16.06 -7.98
C ALA B 113 4.00 16.09 -8.09
N GLU B 114 4.55 17.25 -8.46
CA GLU B 114 6.00 17.38 -8.58
C GLU B 114 6.67 17.59 -7.24
N ASP B 115 7.97 17.33 -7.24
CA ASP B 115 8.81 17.51 -6.08
C ASP B 115 10.25 17.24 -6.52
N VAL B 116 11.19 17.38 -5.58
CA VAL B 116 12.61 17.16 -5.88
C VAL B 116 12.88 15.91 -6.71
N GLY B 117 13.39 16.13 -7.92
CA GLY B 117 13.71 15.03 -8.80
C GLY B 117 12.57 14.59 -9.69
N THR B 118 11.49 15.37 -9.66
CA THR B 118 10.32 15.05 -10.44
C THR B 118 9.94 16.23 -11.34
N THR B 119 9.31 15.96 -12.48
CA THR B 119 8.91 17.01 -13.41
C THR B 119 7.49 16.84 -13.96
N GLU B 120 6.98 17.87 -14.62
CA GLU B 120 5.65 17.75 -15.18
C GLU B 120 5.66 16.71 -16.30
N ALA B 121 6.82 16.48 -16.90
CA ALA B 121 6.89 15.46 -17.93
C ALA B 121 6.62 14.12 -17.22
N ASP B 122 7.10 14.02 -15.97
CA ASP B 122 6.90 12.84 -15.15
C ASP B 122 5.42 12.74 -14.83
N MET B 123 4.84 13.87 -14.47
CA MET B 123 3.43 13.92 -14.14
C MET B 123 2.55 13.57 -15.34
N ASP B 124 3.04 13.78 -16.57
CA ASP B 124 2.24 13.46 -17.75
C ASP B 124 2.18 11.95 -17.98
N LEU B 125 3.27 11.26 -17.65
CA LEU B 125 3.27 9.82 -17.84
C LEU B 125 2.29 9.17 -16.86
N ILE B 126 2.37 9.61 -15.60
CA ILE B 126 1.48 9.10 -14.58
C ILE B 126 0.03 9.32 -15.00
N ASN B 127 -0.23 10.48 -15.57
CA ASN B 127 -1.56 10.87 -16.01
C ASN B 127 -2.14 9.98 -17.09
N LEU B 128 -1.31 9.10 -17.63
CA LEU B 128 -1.73 8.14 -18.65
C LEU B 128 -2.38 6.89 -18.00
N GLU B 129 -2.37 6.83 -16.68
CA GLU B 129 -2.91 5.68 -15.97
C GLU B 129 -3.90 6.09 -14.90
N THR B 130 -3.99 7.38 -14.63
CA THR B 130 -4.88 7.85 -13.58
C THR B 130 -5.07 9.36 -13.58
N ASP B 131 -6.19 9.79 -13.02
CA ASP B 131 -6.52 11.21 -12.89
C ASP B 131 -5.98 11.75 -11.57
N TYR B 132 -5.65 10.86 -10.64
CA TYR B 132 -5.17 11.26 -9.33
C TYR B 132 -3.75 11.83 -9.32
N VAL B 133 -3.57 12.90 -10.08
CA VAL B 133 -2.26 13.54 -10.19
C VAL B 133 -2.44 14.98 -10.61
N THR B 134 -1.52 15.83 -10.20
CA THR B 134 -1.59 17.24 -10.57
C THR B 134 -0.23 17.80 -10.95
N GLY B 135 -0.24 19.00 -11.54
CA GLY B 135 1.00 19.61 -11.98
C GLY B 135 1.38 19.04 -13.33
N THR B 136 0.39 18.78 -14.15
CA THR B 136 0.66 18.23 -15.47
C THR B 136 0.94 19.43 -16.37
N SER B 137 1.48 19.17 -17.55
CA SER B 137 1.79 20.25 -18.48
C SER B 137 0.52 20.92 -19.01
N ALA B 138 -0.61 20.24 -18.86
CA ALA B 138 -1.88 20.81 -19.32
C ALA B 138 -2.47 21.71 -18.24
N GLY B 139 -2.01 21.54 -17.00
CA GLY B 139 -2.54 22.33 -15.89
C GLY B 139 -1.53 23.27 -15.24
N ALA B 140 -1.04 22.91 -14.06
CA ALA B 140 -0.08 23.75 -13.34
C ALA B 140 1.31 23.10 -13.19
N ASN B 145 3.34 28.36 -15.94
CA ASN B 145 4.32 28.90 -15.00
C ASN B 145 3.70 29.13 -13.62
N PRO B 146 3.91 28.19 -12.69
CA PRO B 146 3.40 28.25 -11.33
C PRO B 146 4.16 29.22 -10.42
N SER B 147 5.48 29.24 -10.57
CA SER B 147 6.35 30.09 -9.75
C SER B 147 5.70 31.42 -9.36
N PRO B 148 5.12 32.14 -10.33
CA PRO B 148 4.49 33.42 -9.97
C PRO B 148 3.23 33.30 -9.09
N VAL B 149 2.55 32.16 -9.17
CA VAL B 149 1.34 31.95 -8.38
C VAL B 149 1.74 31.83 -6.90
N THR B 150 2.72 30.98 -6.62
CA THR B 150 3.19 30.81 -5.25
C THR B 150 3.87 32.11 -4.80
N ALA B 151 4.53 32.78 -5.73
CA ALA B 151 5.19 34.05 -5.48
C ALA B 151 4.12 35.07 -5.08
N TYR B 152 3.03 35.09 -5.84
CA TYR B 152 1.95 36.00 -5.53
C TYR B 152 1.39 35.55 -4.18
N GLY B 153 1.73 34.32 -3.82
CA GLY B 153 1.28 33.75 -2.57
C GLY B 153 2.05 34.30 -1.38
N ILE B 154 3.37 34.33 -1.47
CA ILE B 154 4.13 34.87 -0.34
C ILE B 154 3.94 36.39 -0.30
N TYR B 155 3.80 37.00 -1.46
CA TYR B 155 3.59 38.44 -1.56
C TYR B 155 2.43 38.87 -0.65
N TYR B 156 1.30 38.18 -0.78
CA TYR B 156 0.14 38.50 0.03
C TYR B 156 0.37 38.09 1.48
N GLY B 157 1.14 37.02 1.67
CA GLY B 157 1.42 36.59 3.02
C GLY B 157 2.29 37.65 3.68
N MET B 158 3.23 38.19 2.91
CA MET B 158 4.13 39.22 3.42
C MET B 158 3.32 40.46 3.77
N LYS B 159 2.32 40.78 2.95
CA LYS B 159 1.48 41.93 3.22
C LYS B 159 0.76 41.66 4.53
N ALA B 160 0.43 40.40 4.76
CA ALA B 160 -0.23 39.99 5.98
C ALA B 160 0.74 40.10 7.14
N ALA B 161 2.03 39.96 6.83
CA ALA B 161 3.08 40.06 7.83
C ALA B 161 3.10 41.48 8.38
N ALA B 162 2.91 42.45 7.49
CA ALA B 162 2.85 43.85 7.88
C ALA B 162 1.51 43.94 8.61
N LYS B 163 0.96 45.13 8.78
CA LYS B 163 -0.33 45.23 9.48
C LYS B 163 -0.23 44.45 10.79
N GLU B 164 0.96 43.96 11.07
CA GLU B 164 1.23 43.20 12.28
C GLU B 164 2.54 43.72 12.83
N ALA B 165 3.44 44.07 11.93
CA ALA B 165 4.75 44.59 12.28
C ALA B 165 4.87 46.07 11.95
N PHE B 166 3.89 46.59 11.21
CA PHE B 166 3.88 47.99 10.82
C PHE B 166 2.48 48.56 10.88
N GLY B 167 1.54 47.75 11.38
CA GLY B 167 0.17 48.18 11.49
C GLY B 167 -0.51 48.48 10.16
N ASP B 168 0.22 48.26 9.07
CA ASP B 168 -0.33 48.53 7.74
C ASP B 168 0.07 47.49 6.69
N ASP B 169 -0.80 47.29 5.70
CA ASP B 169 -0.57 46.33 4.62
C ASP B 169 0.25 46.92 3.47
N SER B 170 0.38 48.23 3.47
CA SER B 170 1.10 48.96 2.43
C SER B 170 2.60 48.73 2.42
N LEU B 171 3.05 47.72 1.66
CA LEU B 171 4.47 47.46 1.55
C LEU B 171 5.02 48.57 0.65
N ALA B 172 4.12 49.43 0.20
CA ALA B 172 4.45 50.56 -0.66
C ALA B 172 5.64 51.34 -0.15
N GLY B 173 6.77 51.20 -0.84
CA GLY B 173 7.98 51.90 -0.45
C GLY B 173 8.97 51.05 0.32
N LYS B 174 8.57 50.62 1.52
CA LYS B 174 9.41 49.82 2.39
C LYS B 174 10.40 48.90 1.66
N THR B 175 11.57 48.71 2.26
CA THR B 175 12.63 47.90 1.67
C THR B 175 12.54 46.42 2.00
N VAL B 176 12.89 45.60 1.03
CA VAL B 176 12.86 44.16 1.19
C VAL B 176 14.15 43.55 0.68
N ALA B 177 14.82 42.78 1.53
CA ALA B 177 16.05 42.11 1.14
C ALA B 177 15.64 40.72 0.68
N VAL B 178 16.04 40.37 -0.53
CA VAL B 178 15.67 39.07 -1.08
C VAL B 178 16.87 38.17 -1.33
N GLN B 179 16.90 37.05 -0.62
CA GLN B 179 17.97 36.07 -0.77
C GLN B 179 17.61 35.15 -1.94
N GLY B 180 18.40 35.21 -3.00
CA GLY B 180 18.14 34.38 -4.16
C GLY B 180 17.24 35.06 -5.18
N VAL B 181 17.57 34.89 -6.46
CA VAL B 181 16.77 35.50 -7.52
C VAL B 181 16.31 34.44 -8.52
N GLY B 182 15.69 33.39 -7.99
CA GLY B 182 15.18 32.33 -8.82
C GLY B 182 13.82 32.71 -9.38
N ASN B 183 13.23 31.78 -10.13
CA ASN B 183 11.92 32.01 -10.75
C ASN B 183 10.91 32.60 -9.78
N VAL B 184 10.68 31.93 -8.66
CA VAL B 184 9.75 32.44 -7.67
C VAL B 184 10.27 33.77 -7.13
N ALA B 185 11.54 33.79 -6.74
CA ALA B 185 12.19 34.99 -6.21
C ALA B 185 11.96 36.19 -7.13
N TYR B 186 12.21 35.97 -8.42
CA TYR B 186 12.05 37.00 -9.43
C TYR B 186 10.63 37.56 -9.47
N ALA B 187 9.64 36.67 -9.44
CA ALA B 187 8.23 37.08 -9.47
C ALA B 187 7.81 37.80 -8.19
N LEU B 188 8.44 37.44 -7.08
CA LEU B 188 8.13 38.09 -5.83
C LEU B 188 8.57 39.55 -5.95
N CYS B 189 9.69 39.77 -6.62
CA CYS B 189 10.21 41.12 -6.82
C CYS B 189 9.23 41.94 -7.64
N GLU B 190 8.76 41.38 -8.76
CA GLU B 190 7.80 42.06 -9.63
C GLU B 190 6.61 42.64 -8.88
N TYR B 191 5.97 41.83 -8.03
CA TYR B 191 4.82 42.33 -7.29
C TYR B 191 5.23 43.46 -6.35
N LEU B 192 6.41 43.32 -5.76
CA LEU B 192 6.93 44.32 -4.84
C LEU B 192 7.24 45.66 -5.52
N HIS B 193 8.05 45.60 -6.57
CA HIS B 193 8.42 46.80 -7.30
C HIS B 193 7.13 47.54 -7.65
N GLU B 194 6.20 46.80 -8.25
CA GLU B 194 4.91 47.36 -8.66
C GLU B 194 4.21 48.19 -7.60
N GLU B 195 4.08 47.66 -6.38
CA GLU B 195 3.43 48.44 -5.34
C GLU B 195 4.37 49.58 -4.90
N GLY B 196 5.47 49.74 -5.64
CA GLY B 196 6.43 50.80 -5.35
C GLY B 196 7.28 50.61 -4.11
N ALA B 197 7.96 49.47 -4.01
CA ALA B 197 8.80 49.18 -2.87
C ALA B 197 10.27 49.12 -3.25
N LYS B 198 11.14 49.34 -2.27
CA LYS B 198 12.57 49.31 -2.48
C LYS B 198 13.06 47.87 -2.35
N LEU B 199 13.73 47.40 -3.39
CA LEU B 199 14.24 46.04 -3.45
C LEU B 199 15.75 45.93 -3.45
N ILE B 200 16.27 45.08 -2.58
CA ILE B 200 17.70 44.84 -2.46
C ILE B 200 17.79 43.32 -2.53
N ILE B 201 18.57 42.83 -3.48
CA ILE B 201 18.69 41.39 -3.68
C ILE B 201 20.04 40.76 -3.38
N THR B 202 20.27 39.63 -4.05
CA THR B 202 21.49 38.83 -3.95
C THR B 202 21.18 37.47 -4.52
N ASP B 203 22.21 36.73 -4.91
CA ASP B 203 22.05 35.39 -5.48
C ASP B 203 23.31 35.02 -6.24
N ILE B 204 23.77 33.79 -6.03
CA ILE B 204 24.96 33.26 -6.67
C ILE B 204 25.08 33.64 -8.16
N ASN B 205 23.95 33.60 -8.86
CA ASN B 205 23.92 33.92 -10.29
C ASN B 205 23.97 35.41 -10.56
N GLU B 206 25.10 35.88 -11.08
CA GLU B 206 25.31 37.29 -11.40
C GLU B 206 24.32 37.80 -12.42
N GLU B 207 24.07 37.00 -13.46
CA GLU B 207 23.11 37.39 -14.48
C GLU B 207 21.72 37.51 -13.90
N ALA B 208 21.35 36.55 -13.05
CA ALA B 208 20.04 36.57 -12.40
C ALA B 208 19.95 37.83 -11.56
N VAL B 209 21.03 38.11 -10.84
CA VAL B 209 21.10 39.30 -10.00
C VAL B 209 21.09 40.52 -10.91
N GLN B 210 21.71 40.38 -12.08
CA GLN B 210 21.80 41.46 -13.05
C GLN B 210 20.45 41.78 -13.68
N ARG B 211 19.76 40.75 -14.18
CA ARG B 211 18.46 40.95 -14.78
C ARG B 211 17.51 41.60 -13.77
N ALA B 212 17.76 41.33 -12.49
CA ALA B 212 16.95 41.88 -11.41
C ALA B 212 17.22 43.35 -11.16
N VAL B 213 18.49 43.72 -11.01
CA VAL B 213 18.85 45.11 -10.76
C VAL B 213 18.32 46.01 -11.86
N ASP B 214 18.49 45.59 -13.11
CA ASP B 214 18.04 46.37 -14.26
C ASP B 214 16.51 46.38 -14.38
N ALA B 215 15.91 45.21 -14.20
CA ALA B 215 14.46 45.07 -14.32
C ALA B 215 13.68 45.85 -13.26
N PHE B 216 14.12 45.79 -12.01
CA PHE B 216 13.40 46.49 -10.95
C PHE B 216 14.20 47.62 -10.33
N GLY B 217 15.37 47.91 -10.90
CA GLY B 217 16.20 48.95 -10.36
C GLY B 217 16.61 48.53 -8.95
N ALA B 218 16.98 47.26 -8.82
CA ALA B 218 17.38 46.70 -7.53
C ALA B 218 18.71 47.22 -7.00
N THR B 219 19.10 46.71 -5.82
CA THR B 219 20.35 47.08 -5.17
C THR B 219 21.11 45.80 -4.82
N ALA B 220 21.79 45.23 -5.80
CA ALA B 220 22.54 44.00 -5.61
C ALA B 220 23.50 44.07 -4.42
N VAL B 221 23.55 42.98 -3.66
CA VAL B 221 24.40 42.86 -2.48
C VAL B 221 25.02 41.47 -2.45
N GLY B 222 26.02 41.27 -1.57
CA GLY B 222 26.70 40.00 -1.47
C GLY B 222 25.95 38.90 -0.72
N ILE B 223 26.21 37.67 -1.13
CA ILE B 223 25.60 36.48 -0.54
C ILE B 223 25.45 36.54 0.98
N ASN B 224 26.46 37.06 1.67
CA ASN B 224 26.42 37.16 3.13
C ASN B 224 25.88 38.48 3.64
N GLU B 225 25.94 39.50 2.80
CA GLU B 225 25.46 40.82 3.20
C GLU B 225 23.96 40.96 2.96
N ILE B 226 23.25 39.83 2.99
CA ILE B 226 21.80 39.88 2.78
C ILE B 226 21.04 39.65 4.10
N TYR B 227 21.60 38.79 4.96
CA TYR B 227 20.99 38.51 6.26
C TYR B 227 20.97 39.84 7.02
N SER B 228 21.99 40.64 6.73
CA SER B 228 22.15 41.94 7.35
C SER B 228 22.12 43.01 6.29
N GLN B 229 21.20 43.94 6.46
CA GLN B 229 21.02 45.07 5.54
C GLN B 229 19.98 45.96 6.16
N GLU B 230 19.81 47.15 5.60
CA GLU B 230 18.84 48.09 6.12
C GLU B 230 17.50 47.94 5.39
N ALA B 231 16.72 46.96 5.82
CA ALA B 231 15.40 46.67 5.24
C ALA B 231 14.44 46.21 6.33
N ASP B 232 13.19 46.64 6.27
CA ASP B 232 12.21 46.23 7.27
C ASP B 232 11.50 44.90 6.96
N ILE B 233 12.02 44.17 5.97
CA ILE B 233 11.48 42.87 5.58
C ILE B 233 12.55 41.98 4.97
N PHE B 234 12.69 40.78 5.53
CA PHE B 234 13.66 39.82 5.01
C PHE B 234 12.92 38.67 4.32
N ALA B 235 13.24 38.47 3.04
CA ALA B 235 12.61 37.44 2.25
C ALA B 235 13.53 36.29 1.92
N PRO B 236 13.72 35.36 2.85
CA PRO B 236 14.61 34.24 2.53
C PRO B 236 13.92 33.40 1.46
N CYS B 237 14.48 33.41 0.25
CA CYS B 237 13.89 32.66 -0.87
C CYS B 237 14.86 31.72 -1.58
N ALA B 238 15.80 31.11 -0.85
CA ALA B 238 16.73 30.22 -1.52
C ALA B 238 16.84 28.88 -0.80
N LEU B 239 17.60 28.89 0.29
CA LEU B 239 17.77 27.68 1.07
C LEU B 239 17.29 27.91 2.48
N GLY B 240 17.04 26.82 3.19
CA GLY B 240 16.53 26.92 4.55
C GLY B 240 17.59 27.00 5.63
N ALA B 241 17.12 26.93 6.87
CA ALA B 241 18.00 27.00 8.02
C ALA B 241 18.68 28.36 8.05
N ILE B 242 18.32 29.22 7.10
CA ILE B 242 18.88 30.57 7.01
C ILE B 242 18.53 31.45 8.19
N ILE B 243 17.81 30.90 9.16
CA ILE B 243 17.47 31.64 10.36
C ILE B 243 18.12 30.88 11.50
N ASN B 244 19.42 31.11 11.68
CA ASN B 244 20.19 30.45 12.72
C ASN B 244 21.02 31.41 13.57
N ASP B 245 21.87 30.85 14.42
CA ASP B 245 22.73 31.63 15.32
C ASP B 245 23.68 32.58 14.61
N GLU B 246 24.09 32.23 13.39
CA GLU B 246 25.00 33.07 12.62
C GLU B 246 24.29 34.21 11.89
N THR B 247 22.96 34.14 11.77
CA THR B 247 22.22 35.20 11.07
C THR B 247 21.18 35.91 11.93
N ILE B 248 20.67 35.24 12.95
CA ILE B 248 19.67 35.85 13.81
C ILE B 248 20.19 37.13 14.46
N PRO B 249 21.42 37.09 14.97
CA PRO B 249 22.07 38.23 15.63
C PRO B 249 22.01 39.56 14.88
N GLN B 250 22.61 39.58 13.69
CA GLN B 250 22.66 40.79 12.87
C GLN B 250 21.59 40.94 11.79
N LEU B 251 20.31 40.96 12.22
CA LEU B 251 19.20 41.09 11.27
C LEU B 251 18.38 42.36 11.42
N LYS B 252 17.68 42.44 12.55
CA LYS B 252 16.77 43.53 12.89
C LYS B 252 15.99 44.09 11.72
N ALA B 253 15.14 43.22 11.18
CA ALA B 253 14.24 43.52 10.08
C ALA B 253 12.95 43.08 10.77
N LYS B 254 12.06 44.03 11.03
CA LYS B 254 10.82 43.72 11.72
C LYS B 254 10.11 42.45 11.22
N VAL B 255 10.29 42.08 9.96
CA VAL B 255 9.60 40.92 9.40
C VAL B 255 10.40 39.92 8.57
N ILE B 256 9.94 38.67 8.61
CA ILE B 256 10.52 37.56 7.85
C ILE B 256 9.37 36.86 7.11
N ALA B 257 9.46 36.86 5.78
CA ALA B 257 8.46 36.24 4.93
C ALA B 257 9.10 35.81 3.61
N GLY B 258 9.39 34.52 3.50
CA GLY B 258 10.03 34.04 2.28
C GLY B 258 9.44 32.77 1.68
N SER B 259 10.05 32.31 0.59
CA SER B 259 9.59 31.13 -0.12
C SER B 259 10.33 29.84 0.24
N ALA B 260 11.44 29.97 0.96
CA ALA B 260 12.24 28.82 1.35
C ALA B 260 11.61 27.91 2.40
N ASN B 261 11.80 26.61 2.24
CA ASN B 261 11.27 25.62 3.18
C ASN B 261 12.21 25.50 4.39
N ASN B 262 11.66 25.05 5.51
CA ASN B 262 12.45 24.85 6.72
C ASN B 262 13.40 26.01 6.97
N GLN B 263 12.83 27.20 7.12
CA GLN B 263 13.63 28.40 7.36
C GLN B 263 14.37 28.35 8.69
N LEU B 264 13.70 27.88 9.74
CA LEU B 264 14.33 27.75 11.05
C LEU B 264 15.14 26.45 11.01
N LYS B 265 16.41 26.51 11.41
CA LYS B 265 17.24 25.30 11.43
C LYS B 265 16.88 24.45 12.65
N GLU B 266 16.45 25.12 13.71
CA GLU B 266 16.05 24.46 14.94
C GLU B 266 14.82 25.16 15.52
N THR B 267 14.03 24.42 16.29
CA THR B 267 12.84 24.98 16.90
C THR B 267 13.23 26.14 17.82
N ARG B 268 14.44 26.06 18.37
CA ARG B 268 14.96 27.11 19.25
C ARG B 268 14.93 28.47 18.56
N HIS B 269 15.52 28.53 17.36
CA HIS B 269 15.58 29.75 16.56
C HIS B 269 14.25 30.47 16.46
N GLY B 270 13.18 29.70 16.28
CA GLY B 270 11.86 30.30 16.18
C GLY B 270 11.46 30.82 17.56
N ASP B 271 11.81 30.05 18.58
CA ASP B 271 11.51 30.42 19.96
C ASP B 271 12.23 31.72 20.30
N LEU B 272 13.34 31.98 19.61
CA LEU B 272 14.12 33.18 19.84
C LEU B 272 13.55 34.39 19.08
N ILE B 273 13.53 34.30 17.76
CA ILE B 273 13.02 35.41 16.95
C ILE B 273 11.69 35.87 17.51
N HIS B 274 10.93 34.92 18.05
CA HIS B 274 9.64 35.25 18.64
C HIS B 274 9.90 36.20 19.79
N GLU B 275 10.80 35.81 20.68
CA GLU B 275 11.15 36.64 21.82
C GLU B 275 11.74 37.99 21.39
N MET B 276 12.56 37.95 20.34
CA MET B 276 13.18 39.16 19.81
C MET B 276 12.15 40.06 19.12
N GLY B 277 10.89 39.65 19.16
CA GLY B 277 9.82 40.45 18.57
C GLY B 277 9.77 40.53 17.06
N ILE B 278 10.39 39.57 16.39
CA ILE B 278 10.35 39.58 14.93
C ILE B 278 9.13 38.81 14.48
N VAL B 279 8.28 39.43 13.66
CA VAL B 279 7.09 38.74 13.17
C VAL B 279 7.52 37.82 12.03
N TYR B 280 7.22 36.54 12.20
CA TYR B 280 7.59 35.52 11.23
C TYR B 280 6.38 34.78 10.70
N ALA B 281 6.28 34.76 9.38
CA ALA B 281 5.20 34.07 8.68
C ALA B 281 5.76 32.67 8.51
N PRO B 282 5.29 31.71 9.31
CA PRO B 282 5.75 30.33 9.24
C PRO B 282 5.88 29.83 7.80
N ASP B 283 7.10 29.52 7.41
CA ASP B 283 7.45 29.04 6.09
C ASP B 283 6.44 28.19 5.27
N TYR B 284 6.12 26.99 5.76
CA TYR B 284 5.24 26.10 5.04
C TYR B 284 3.82 26.60 4.79
N VAL B 285 3.44 27.69 5.45
CA VAL B 285 2.12 28.27 5.31
C VAL B 285 2.16 29.43 4.31
N ILE B 286 3.19 30.26 4.41
CA ILE B 286 3.31 31.38 3.49
C ILE B 286 3.61 30.87 2.08
N ASN B 287 4.37 29.78 1.96
CA ASN B 287 4.71 29.26 0.64
C ASN B 287 3.77 28.15 0.14
N SER B 288 2.60 28.04 0.75
CA SER B 288 1.62 27.00 0.38
C SER B 288 0.95 27.26 -0.97
N GLY B 289 1.11 28.46 -1.52
CA GLY B 289 0.51 28.77 -2.81
C GLY B 289 1.03 27.78 -3.85
N GLY B 290 2.01 26.98 -3.45
CA GLY B 290 2.58 26.00 -4.35
C GLY B 290 1.69 24.77 -4.44
N VAL B 291 1.23 24.33 -3.27
CA VAL B 291 0.36 23.17 -3.21
C VAL B 291 -1.07 23.61 -3.58
N ILE B 292 -1.43 24.83 -3.19
CA ILE B 292 -2.76 25.38 -3.51
C ILE B 292 -2.91 25.38 -5.03
N ASN B 293 -1.86 25.83 -5.71
CA ASN B 293 -1.87 25.91 -7.17
C ASN B 293 -2.08 24.56 -7.83
N VAL B 294 -1.35 23.53 -7.39
CA VAL B 294 -1.53 22.22 -8.01
C VAL B 294 -2.90 21.65 -7.64
N ALA B 295 -3.39 22.01 -6.45
CA ALA B 295 -4.68 21.55 -5.99
C ALA B 295 -5.78 22.04 -6.91
N ASP B 296 -5.59 23.24 -7.45
CA ASP B 296 -6.58 23.85 -8.33
C ASP B 296 -6.79 23.12 -9.65
N GLU B 297 -5.91 22.18 -9.98
CA GLU B 297 -6.05 21.44 -11.23
C GLU B 297 -7.12 20.35 -11.12
N LEU B 298 -7.34 19.87 -9.91
CA LEU B 298 -8.32 18.81 -9.68
C LEU B 298 -9.72 19.20 -10.13
N ASP B 299 -10.08 20.45 -9.95
CA ASP B 299 -11.40 20.91 -10.34
C ASP B 299 -11.28 21.70 -11.64
N GLY B 300 -10.49 21.19 -12.58
CA GLY B 300 -10.28 21.87 -13.85
C GLY B 300 -9.41 23.11 -13.65
N TYR B 301 -8.12 23.01 -13.95
CA TYR B 301 -7.21 24.12 -13.73
C TYR B 301 -7.57 25.50 -14.32
N ASN B 302 -7.37 26.53 -13.50
CA ASN B 302 -7.60 27.92 -13.86
C ASN B 302 -6.63 28.78 -13.07
N ARG B 303 -5.57 29.22 -13.74
CA ARG B 303 -4.54 30.04 -13.12
C ARG B 303 -5.12 31.28 -12.43
N GLU B 304 -5.95 32.00 -13.16
CA GLU B 304 -6.56 33.21 -12.63
C GLU B 304 -7.32 32.95 -11.32
N ARG B 305 -7.83 31.75 -11.16
CA ARG B 305 -8.57 31.40 -9.95
C ARG B 305 -7.60 30.98 -8.85
N ALA B 306 -6.49 30.38 -9.27
CA ALA B 306 -5.48 29.94 -8.34
C ALA B 306 -4.88 31.17 -7.70
N LEU B 307 -4.60 32.18 -8.54
CA LEU B 307 -4.03 33.43 -8.06
C LEU B 307 -4.90 34.14 -7.04
N LYS B 308 -6.19 34.28 -7.33
CA LYS B 308 -7.11 34.95 -6.42
C LYS B 308 -7.30 34.12 -5.16
N ARG B 309 -7.11 32.81 -5.31
CA ARG B 309 -7.27 31.88 -4.19
C ARG B 309 -6.05 31.90 -3.29
N VAL B 310 -4.88 32.12 -3.88
CA VAL B 310 -3.65 32.15 -3.12
C VAL B 310 -3.63 33.39 -2.24
N GLU B 311 -4.48 34.36 -2.58
CA GLU B 311 -4.59 35.60 -1.81
C GLU B 311 -5.06 35.25 -0.42
N GLY B 312 -5.65 34.07 -0.29
CA GLY B 312 -6.14 33.63 1.00
C GLY B 312 -5.05 33.36 2.01
N ILE B 313 -3.81 33.30 1.55
CA ILE B 313 -2.68 33.04 2.44
C ILE B 313 -2.57 34.20 3.41
N TYR B 314 -2.97 35.38 2.95
CA TYR B 314 -2.93 36.58 3.75
C TYR B 314 -3.84 36.43 4.97
N ASP B 315 -5.09 36.12 4.70
CA ASP B 315 -6.07 35.95 5.77
C ASP B 315 -5.67 34.84 6.72
N VAL B 316 -4.92 33.86 6.23
CA VAL B 316 -4.52 32.72 7.05
C VAL B 316 -3.32 33.02 7.94
N ILE B 317 -2.31 33.68 7.38
CA ILE B 317 -1.14 34.03 8.14
C ILE B 317 -1.61 34.87 9.34
N GLY B 318 -2.41 35.89 9.04
CA GLY B 318 -2.92 36.75 10.09
C GLY B 318 -3.73 35.97 11.12
N LYS B 319 -4.19 34.79 10.75
CA LYS B 319 -4.97 33.97 11.67
C LYS B 319 -4.01 33.31 12.64
N ILE B 320 -2.80 33.04 12.14
CA ILE B 320 -1.77 32.41 12.94
C ILE B 320 -1.31 33.40 13.98
N PHE B 321 -1.12 34.66 13.56
CA PHE B 321 -0.71 35.69 14.49
C PHE B 321 -1.74 35.76 15.62
N ALA B 322 -3.01 35.59 15.26
CA ALA B 322 -4.09 35.60 16.24
C ALA B 322 -3.91 34.47 17.25
N ILE B 323 -3.62 33.28 16.76
CA ILE B 323 -3.41 32.13 17.63
C ILE B 323 -2.11 32.29 18.39
N SER B 324 -1.11 32.87 17.72
CA SER B 324 0.21 33.12 18.31
C SER B 324 0.05 33.81 19.67
N LYS B 325 -0.82 34.81 19.71
CA LYS B 325 -1.08 35.55 20.94
C LYS B 325 -2.47 35.22 21.50
N ARG B 326 -2.80 33.92 21.50
CA ARG B 326 -4.06 33.44 22.03
C ARG B 326 -3.66 32.45 23.11
N ASP B 327 -2.50 31.83 22.90
CA ASP B 327 -1.93 30.86 23.80
C ASP B 327 -0.51 31.37 24.05
N ASN B 328 -0.25 32.55 23.51
CA ASN B 328 1.06 33.18 23.61
C ASN B 328 2.12 32.14 23.31
N ILE B 329 2.35 31.89 22.04
CA ILE B 329 3.33 30.92 21.58
C ILE B 329 3.96 31.44 20.31
N PRO B 330 5.18 30.99 19.98
CA PRO B 330 5.79 31.49 18.74
C PRO B 330 4.88 31.17 17.53
N THR B 331 4.99 31.95 16.46
CA THR B 331 4.15 31.72 15.31
C THR B 331 4.35 30.35 14.64
N TYR B 332 5.51 29.73 14.84
CA TYR B 332 5.69 28.43 14.22
C TYR B 332 4.89 27.36 14.95
N VAL B 333 4.61 27.58 16.22
CA VAL B 333 3.82 26.62 16.98
C VAL B 333 2.32 26.88 16.75
N ALA B 334 1.94 28.15 16.61
CA ALA B 334 0.55 28.48 16.38
C ALA B 334 0.10 27.92 15.03
N ALA B 335 1.05 27.85 14.09
CA ALA B 335 0.78 27.32 12.76
C ALA B 335 0.34 25.87 12.88
N ASP B 336 1.13 25.09 13.59
CA ASP B 336 0.84 23.68 13.79
C ASP B 336 -0.43 23.42 14.59
N ARG B 337 -0.74 24.33 15.51
CA ARG B 337 -1.93 24.17 16.33
C ARG B 337 -3.18 24.52 15.53
N MET B 338 -3.07 25.52 14.66
CA MET B 338 -4.20 25.93 13.83
C MET B 338 -4.56 24.79 12.88
N ALA B 339 -3.55 24.19 12.27
CA ALA B 339 -3.75 23.08 11.35
C ALA B 339 -4.50 21.96 12.07
N GLU B 340 -3.97 21.54 13.21
CA GLU B 340 -4.58 20.47 13.99
C GLU B 340 -6.02 20.74 14.36
N GLU B 341 -6.32 21.99 14.71
CA GLU B 341 -7.67 22.37 15.10
C GLU B 341 -8.67 22.49 13.96
N ARG B 342 -8.19 22.75 12.75
CA ARG B 342 -9.10 22.86 11.62
C ARG B 342 -9.52 21.45 11.22
N ILE B 343 -8.60 20.51 11.34
CA ILE B 343 -8.90 19.12 11.02
C ILE B 343 -9.97 18.60 11.96
N ALA B 344 -9.76 18.76 13.26
CA ALA B 344 -10.73 18.29 14.23
C ALA B 344 -12.06 19.04 14.06
N ARG B 345 -11.98 20.34 13.84
CA ARG B 345 -13.17 21.16 13.66
C ARG B 345 -13.96 20.73 12.43
N VAL B 346 -13.25 20.54 11.31
CA VAL B 346 -13.88 20.14 10.07
C VAL B 346 -14.41 18.71 10.14
N ALA B 347 -13.67 17.84 10.81
CA ALA B 347 -14.08 16.44 10.95
C ALA B 347 -15.39 16.37 11.69
N ASN B 348 -15.49 17.20 12.74
CA ASN B 348 -16.68 17.27 13.55
C ASN B 348 -17.86 17.73 12.71
N THR B 349 -17.66 18.83 12.00
CA THR B 349 -18.70 19.41 11.17
C THR B 349 -19.23 18.49 10.10
N ARG B 350 -18.36 17.66 9.55
CA ARG B 350 -18.77 16.77 8.47
C ARG B 350 -19.23 15.39 8.91
N SER B 351 -19.47 15.22 10.20
CA SER B 351 -19.92 13.92 10.71
C SER B 351 -21.43 13.75 10.56
N THR B 352 -22.09 14.77 10.05
CA THR B 352 -23.53 14.72 9.82
C THR B 352 -23.72 13.88 8.56
N PHE B 353 -24.72 13.00 8.54
CA PHE B 353 -24.94 12.10 7.41
C PHE B 353 -25.45 12.67 6.09
N LEU B 354 -24.79 12.22 5.02
CA LEU B 354 -25.14 12.60 3.66
C LEU B 354 -24.96 11.38 2.76
N GLN B 355 -25.70 11.34 1.67
CA GLN B 355 -25.59 10.21 0.78
C GLN B 355 -24.47 10.40 -0.22
N ASN B 356 -24.16 11.65 -0.55
CA ASN B 356 -23.08 11.90 -1.50
C ASN B 356 -22.27 13.14 -1.21
N GLU B 357 -21.52 13.04 -0.12
CA GLU B 357 -20.60 14.06 0.36
C GLU B 357 -19.82 14.65 -0.79
N LYS B 358 -19.40 15.91 -0.65
CA LYS B 358 -18.62 16.58 -1.66
C LYS B 358 -17.12 16.39 -1.33
N SER B 359 -16.29 16.24 -2.37
CA SER B 359 -14.84 16.13 -2.21
C SER B 359 -14.18 16.84 -3.40
N VAL B 360 -12.87 17.05 -3.33
CA VAL B 360 -12.16 17.70 -4.44
C VAL B 360 -12.24 16.82 -5.68
N LEU B 361 -12.84 15.65 -5.52
CA LEU B 361 -12.95 14.71 -6.61
C LEU B 361 -14.35 14.76 -7.22
N SER B 362 -15.27 15.46 -6.58
CA SER B 362 -16.60 15.57 -7.12
C SER B 362 -16.55 16.29 -8.46
N ARG B 363 -17.40 15.90 -9.41
CA ARG B 363 -17.42 16.53 -10.73
C ARG B 363 -18.33 17.75 -10.72
#